data_1DF1
#
_entry.id   1DF1
#
_cell.length_a   214.464
_cell.length_b   214.464
_cell.length_c   112.752
_cell.angle_alpha   90.00
_cell.angle_beta   90.00
_cell.angle_gamma   120.00
#
_symmetry.space_group_name_H-M   'P 61 2 2'
#
loop_
_entity.id
_entity.type
_entity.pdbx_description
1 polymer 'NITRIC OXIDE SYNTHASE'
2 non-polymer 'ZINC ION'
3 non-polymer 'PROTOPORPHYRIN IX CONTAINING FE'
4 non-polymer 5,6,7,8-TETRAHYDROBIOPTERIN
5 non-polymer ETHYLISOTHIOUREA
6 water water
#
_entity_poly.entity_id   1
_entity_poly.type   'polypeptide(L)'
_entity_poly.pdbx_seq_one_letter_code
;QYVRIKNWGSGEILHDTLHHKATSDFTCKSKSCLGSIMNPKSLTRGPRDKPTPLEELLPHAIEFINQYYGSFKEAKIEEH
LARLEAVTKEIETTGTYQLTLDELIFATKMAWRNAPRCIGRIQWSNLQVFDARNCSTAQEMFQHICRHILYATNNGNIRS
AITVFPQRSDGKHDFRLWNSQLIRYAGYQMPDGTIRGDAATLEFTQLCIDLGWKPRYGRFDVLPLVLQADGQDPEVFEIP
PDLVLEVTMEHPKYEWFQELGLKWYALPAVANMLLEVGGLEFPACPFNGWYMGTEIGVRDFCDTQRYNILEEVGRRMGLE
THTLASLWKDRAVTEINVAVLHSFQKQNVTIMDHHTASESFMKHMQNEYRARGGCPADWIWLVPPVSGSITPVFHQEMLN
YVLSPFYYYQIEPWKTHIWQNEK
;
_entity_poly.pdbx_strand_id   A,B
#
loop_
_chem_comp.id
_chem_comp.type
_chem_comp.name
_chem_comp.formula
H4B non-polymer 5,6,7,8-TETRAHYDROBIOPTERIN 'C9 H15 N5 O3'
HEM non-polymer 'PROTOPORPHYRIN IX CONTAINING FE' 'C34 H32 Fe N4 O4'
ITU non-polymer ETHYLISOTHIOUREA 'C3 H8 N2 S'
ZN non-polymer 'ZINC ION' 'Zn 2'
#
# COMPACT_ATOMS: atom_id res chain seq x y z
N GLN A 1 15.76 17.19 -50.23
CA GLN A 1 17.19 17.36 -50.50
C GLN A 1 18.07 17.15 -49.25
N TYR A 2 18.26 18.22 -48.46
CA TYR A 2 19.03 18.15 -47.21
C TYR A 2 18.78 19.37 -46.35
N VAL A 3 19.05 19.28 -45.05
CA VAL A 3 18.84 20.43 -44.17
C VAL A 3 20.18 20.97 -43.73
N ARG A 4 20.29 22.30 -43.78
CA ARG A 4 21.48 23.07 -43.41
C ARG A 4 21.54 23.32 -41.90
N ILE A 5 22.67 22.96 -41.30
CA ILE A 5 22.87 23.10 -39.86
C ILE A 5 24.15 23.90 -39.58
N LYS A 6 24.07 24.88 -38.71
CA LYS A 6 25.24 25.67 -38.43
C LYS A 6 25.73 25.61 -36.98
N ASN A 7 27.05 25.73 -36.81
CA ASN A 7 27.64 25.81 -35.49
C ASN A 7 28.07 27.26 -35.28
N TRP A 8 27.27 28.03 -34.55
CA TRP A 8 27.52 29.44 -34.29
C TRP A 8 28.78 29.81 -33.54
N GLY A 9 29.52 28.81 -33.08
CA GLY A 9 30.75 29.07 -32.35
C GLY A 9 31.96 29.00 -33.27
N SER A 10 31.93 28.01 -34.18
CA SER A 10 33.01 27.77 -35.13
C SER A 10 32.71 28.26 -36.56
N GLY A 11 31.46 28.61 -36.81
CA GLY A 11 31.04 29.08 -38.12
C GLY A 11 30.84 27.92 -39.09
N GLU A 12 31.14 26.70 -38.66
CA GLU A 12 31.00 25.54 -39.52
C GLU A 12 29.55 25.18 -39.86
N ILE A 13 29.36 24.76 -41.11
CA ILE A 13 28.05 24.43 -41.63
C ILE A 13 28.04 22.91 -41.99
N LEU A 14 26.90 22.24 -41.78
CA LEU A 14 26.72 20.79 -42.04
C LEU A 14 25.39 20.49 -42.76
N HIS A 15 25.34 19.40 -43.52
CA HIS A 15 24.12 19.03 -44.25
C HIS A 15 23.53 17.72 -43.73
N ASP A 16 22.27 17.77 -43.28
CA ASP A 16 21.63 16.58 -42.76
C ASP A 16 20.80 15.83 -43.79
N THR A 17 21.24 14.64 -44.20
CA THR A 17 20.46 13.81 -45.14
C THR A 17 19.77 12.63 -44.44
N LEU A 18 20.27 12.29 -43.25
CA LEU A 18 19.78 11.18 -42.43
C LEU A 18 18.32 11.25 -41.97
N HIS A 19 17.81 12.46 -41.72
CA HIS A 19 16.42 12.66 -41.27
C HIS A 19 15.35 12.08 -42.21
N HIS A 20 15.76 11.74 -43.43
CA HIS A 20 14.86 11.17 -44.45
C HIS A 20 14.50 9.75 -44.16
N LYS A 21 15.30 9.12 -43.30
CA LYS A 21 15.10 7.73 -42.91
C LYS A 21 14.27 7.62 -41.62
N ALA A 22 13.72 8.75 -41.16
CA ALA A 22 12.92 8.80 -39.95
C ALA A 22 11.54 8.14 -40.08
N THR A 23 11.26 7.27 -39.10
CA THR A 23 10.06 6.45 -38.93
C THR A 23 8.68 7.00 -39.35
N SER A 24 7.99 7.61 -38.39
CA SER A 24 6.66 8.17 -38.58
C SER A 24 6.65 9.51 -37.83
N ASP A 25 5.46 10.06 -37.60
CA ASP A 25 5.33 11.36 -36.92
C ASP A 25 5.96 11.52 -35.57
N PHE A 26 6.75 12.59 -35.47
CA PHE A 26 7.48 12.96 -34.28
C PHE A 26 6.72 13.91 -33.38
N THR A 27 7.42 14.40 -32.36
CA THR A 27 6.91 15.29 -31.34
C THR A 27 6.08 16.52 -31.73
N CYS A 28 6.58 17.28 -32.70
CA CYS A 28 5.93 18.53 -33.07
C CYS A 28 4.81 18.60 -34.11
N LYS A 29 4.25 19.80 -34.29
CA LYS A 29 3.15 20.03 -35.22
C LYS A 29 3.43 21.05 -36.31
N SER A 30 2.52 21.13 -37.28
CA SER A 30 2.57 22.06 -38.39
C SER A 30 2.67 23.52 -37.88
N LYS A 31 1.96 23.79 -36.78
CA LYS A 31 1.94 25.14 -36.21
C LYS A 31 2.59 25.37 -34.83
N SER A 32 3.31 24.39 -34.27
CA SER A 32 3.95 24.62 -32.97
C SER A 32 5.04 23.62 -32.59
N CYS A 33 6.03 24.07 -31.82
CA CYS A 33 7.10 23.20 -31.40
C CYS A 33 6.88 22.78 -29.96
N LEU A 34 6.99 21.47 -29.75
CA LEU A 34 6.83 20.85 -28.43
C LEU A 34 8.08 20.03 -28.01
N GLY A 35 9.27 20.41 -28.53
CA GLY A 35 10.52 19.70 -28.19
C GLY A 35 10.92 19.81 -26.73
N SER A 36 10.21 20.68 -26.01
CA SER A 36 10.42 20.93 -24.60
C SER A 36 9.74 19.90 -23.68
N ILE A 37 8.78 19.12 -24.23
CA ILE A 37 8.04 18.09 -23.47
C ILE A 37 8.95 16.92 -23.13
N MET A 38 8.89 16.50 -21.87
CA MET A 38 9.71 15.41 -21.39
C MET A 38 9.38 14.07 -22.02
N ASN A 39 8.13 13.60 -21.85
CA ASN A 39 7.68 12.32 -22.39
C ASN A 39 6.59 12.46 -23.42
N PRO A 40 6.95 12.76 -24.68
CA PRO A 40 5.88 12.88 -25.69
C PRO A 40 5.51 11.48 -26.22
N LYS A 41 4.31 11.34 -26.80
CA LYS A 41 3.90 10.03 -27.35
C LYS A 41 4.91 9.52 -28.39
N SER A 42 5.54 10.44 -29.10
CA SER A 42 6.52 10.08 -30.12
C SER A 42 7.79 9.40 -29.63
N LEU A 43 8.07 9.54 -28.33
CA LEU A 43 9.25 8.93 -27.75
C LEU A 43 8.89 7.69 -26.93
N THR A 44 7.60 7.35 -26.97
CA THR A 44 7.01 6.25 -26.23
C THR A 44 6.39 5.15 -27.07
N ARG A 45 6.69 3.91 -26.69
CA ARG A 45 6.08 2.76 -27.33
C ARG A 45 5.34 1.93 -26.28
N GLY A 46 4.01 2.01 -26.32
CA GLY A 46 3.14 1.31 -25.39
C GLY A 46 2.88 -0.19 -25.48
N PRO A 47 1.78 -0.65 -24.84
CA PRO A 47 1.31 -2.04 -24.78
C PRO A 47 0.72 -2.58 -26.09
N ARG A 48 0.57 -3.90 -26.14
CA ARG A 48 0.03 -4.65 -27.27
C ARG A 48 -0.86 -5.80 -26.76
N ASP A 49 -1.95 -6.08 -27.49
CA ASP A 49 -2.89 -7.16 -27.15
C ASP A 49 -2.55 -8.38 -27.97
N LYS A 50 -2.57 -8.17 -29.27
CA LYS A 50 -2.33 -9.21 -30.22
C LYS A 50 -0.93 -9.04 -30.77
N PRO A 51 -0.35 -10.11 -31.35
CA PRO A 51 1.00 -10.04 -31.92
C PRO A 51 1.06 -8.96 -32.99
N THR A 52 2.25 -8.75 -33.53
CA THR A 52 2.43 -7.73 -34.55
C THR A 52 1.92 -8.18 -35.92
N PRO A 53 1.06 -7.36 -36.56
CA PRO A 53 0.52 -7.68 -37.88
C PRO A 53 1.70 -7.99 -38.82
N LEU A 54 1.65 -9.15 -39.50
CA LEU A 54 2.74 -9.55 -40.39
C LEU A 54 3.03 -8.60 -41.52
N GLU A 55 2.02 -7.88 -42.01
CA GLU A 55 2.22 -6.91 -43.11
C GLU A 55 3.15 -5.80 -42.66
N GLU A 56 3.23 -5.62 -41.35
CA GLU A 56 4.07 -4.60 -40.74
C GLU A 56 5.42 -5.16 -40.36
N LEU A 57 5.42 -6.37 -39.80
CA LEU A 57 6.63 -7.07 -39.34
C LEU A 57 7.62 -7.35 -40.48
N LEU A 58 7.12 -7.97 -41.55
CA LEU A 58 7.97 -8.32 -42.67
C LEU A 58 8.78 -7.18 -43.32
N PRO A 59 8.14 -6.03 -43.68
CA PRO A 59 8.91 -4.94 -44.29
C PRO A 59 9.98 -4.43 -43.31
N HIS A 60 9.58 -4.29 -42.04
CA HIS A 60 10.47 -3.82 -40.97
C HIS A 60 11.63 -4.79 -40.81
N ALA A 61 11.31 -6.09 -40.81
CA ALA A 61 12.29 -7.13 -40.68
C ALA A 61 13.29 -7.07 -41.85
N ILE A 62 12.76 -7.10 -43.08
CA ILE A 62 13.57 -7.03 -44.30
C ILE A 62 14.47 -5.79 -44.28
N GLU A 63 13.92 -4.65 -43.86
CA GLU A 63 14.70 -3.39 -43.79
C GLU A 63 15.84 -3.51 -42.77
N PHE A 64 15.58 -4.17 -41.64
CA PHE A 64 16.64 -4.35 -40.66
C PHE A 64 17.72 -5.30 -41.19
N ILE A 65 17.34 -6.42 -41.79
CA ILE A 65 18.34 -7.35 -42.33
C ILE A 65 19.17 -6.69 -43.44
N ASN A 66 18.53 -5.77 -44.17
CA ASN A 66 19.19 -5.02 -45.24
C ASN A 66 20.19 -4.06 -44.65
N GLN A 67 19.83 -3.45 -43.51
CA GLN A 67 20.69 -2.50 -42.81
C GLN A 67 21.90 -3.19 -42.21
N TYR A 68 21.66 -4.32 -41.54
CA TYR A 68 22.70 -5.14 -40.92
C TYR A 68 23.75 -5.60 -41.93
N TYR A 69 23.30 -6.20 -43.03
CA TYR A 69 24.22 -6.69 -44.05
C TYR A 69 24.86 -5.58 -44.83
N GLY A 70 24.18 -4.43 -44.84
CA GLY A 70 24.69 -3.27 -45.53
C GLY A 70 25.70 -2.55 -44.64
N SER A 71 26.00 -3.12 -43.48
CA SER A 71 26.92 -2.48 -42.58
C SER A 71 28.37 -2.94 -42.57
N PHE A 72 28.72 -4.07 -43.19
CA PHE A 72 30.13 -4.43 -43.15
C PHE A 72 30.86 -4.05 -44.41
N LYS A 73 32.11 -3.60 -44.24
CA LYS A 73 32.97 -3.23 -45.37
C LYS A 73 33.19 -4.52 -46.13
N GLU A 74 32.62 -4.57 -47.34
CA GLU A 74 32.68 -5.75 -48.19
C GLU A 74 31.76 -6.82 -47.56
N ALA A 75 30.49 -6.66 -47.93
CA ALA A 75 29.38 -7.48 -47.45
C ALA A 75 29.35 -8.88 -48.02
N LYS A 76 28.60 -9.74 -47.35
CA LYS A 76 28.47 -11.13 -47.74
C LYS A 76 27.10 -11.31 -48.36
N ILE A 77 27.02 -11.06 -49.68
CA ILE A 77 25.77 -11.14 -50.42
C ILE A 77 25.03 -12.44 -50.40
N GLU A 78 25.74 -13.57 -50.46
CA GLU A 78 25.07 -14.87 -50.41
C GLU A 78 24.50 -15.13 -49.01
N GLU A 79 25.12 -14.50 -48.00
CA GLU A 79 24.67 -14.64 -46.62
C GLU A 79 23.49 -13.71 -46.37
N HIS A 80 23.56 -12.55 -47.00
CA HIS A 80 22.53 -11.55 -46.92
C HIS A 80 21.23 -12.12 -47.52
N LEU A 81 21.34 -12.68 -48.74
CA LEU A 81 20.21 -13.30 -49.46
C LEU A 81 19.67 -14.49 -48.70
N ALA A 82 20.58 -15.26 -48.10
CA ALA A 82 20.13 -16.42 -47.35
C ALA A 82 19.36 -16.01 -46.10
N ARG A 83 19.84 -14.96 -45.42
CA ARG A 83 19.21 -14.46 -44.20
C ARG A 83 17.82 -13.86 -44.45
N LEU A 84 17.65 -13.21 -45.61
CA LEU A 84 16.35 -12.63 -45.97
C LEU A 84 15.28 -13.71 -46.16
N GLU A 85 15.67 -14.77 -46.84
CA GLU A 85 14.81 -15.91 -47.12
C GLU A 85 14.41 -16.63 -45.83
N ALA A 86 15.41 -16.89 -44.99
CA ALA A 86 15.22 -17.58 -43.70
C ALA A 86 14.31 -16.80 -42.76
N VAL A 87 14.51 -15.48 -42.74
CA VAL A 87 13.72 -14.60 -41.90
C VAL A 87 12.26 -14.61 -42.38
N THR A 88 12.07 -14.57 -43.70
CA THR A 88 10.71 -14.59 -44.26
C THR A 88 10.02 -15.91 -43.96
N LYS A 89 10.79 -16.99 -44.10
CA LYS A 89 10.34 -18.35 -43.87
C LYS A 89 9.92 -18.48 -42.43
N GLU A 90 10.74 -17.93 -41.54
CA GLU A 90 10.48 -17.96 -40.10
C GLU A 90 9.25 -17.13 -39.71
N ILE A 91 9.10 -15.96 -40.33
CA ILE A 91 7.96 -15.10 -40.04
C ILE A 91 6.67 -15.80 -40.46
N GLU A 92 6.65 -16.38 -41.66
CA GLU A 92 5.45 -17.07 -42.11
C GLU A 92 5.18 -18.39 -41.37
N THR A 93 6.24 -18.95 -40.79
CA THR A 93 6.12 -20.21 -40.07
C THR A 93 5.73 -20.05 -38.62
N THR A 94 6.48 -19.24 -37.89
CA THR A 94 6.23 -19.10 -36.47
C THR A 94 5.44 -17.88 -36.03
N GLY A 95 5.24 -16.94 -36.96
CA GLY A 95 4.50 -15.74 -36.65
C GLY A 95 5.39 -14.57 -36.27
N THR A 96 6.67 -14.83 -36.13
CA THR A 96 7.65 -13.82 -35.72
C THR A 96 9.02 -14.38 -36.05
N TYR A 97 10.09 -13.67 -35.69
CA TYR A 97 11.44 -14.18 -35.93
C TYR A 97 12.42 -13.86 -34.81
N GLN A 98 13.52 -14.58 -34.79
CA GLN A 98 14.56 -14.43 -33.79
C GLN A 98 15.82 -13.83 -34.38
N LEU A 99 16.42 -12.88 -33.68
CA LEU A 99 17.64 -12.25 -34.16
C LEU A 99 18.83 -13.13 -33.82
N THR A 100 19.88 -13.08 -34.65
CA THR A 100 21.10 -13.81 -34.32
C THR A 100 21.75 -12.96 -33.21
N LEU A 101 22.70 -13.52 -32.49
CA LEU A 101 23.36 -12.75 -31.43
C LEU A 101 24.05 -11.56 -32.09
N ASP A 102 24.65 -11.81 -33.24
CA ASP A 102 25.32 -10.77 -33.96
C ASP A 102 24.44 -9.62 -34.41
N GLU A 103 23.22 -9.96 -34.82
CA GLU A 103 22.29 -8.93 -35.24
C GLU A 103 21.83 -8.13 -34.01
N LEU A 104 21.62 -8.82 -32.89
CA LEU A 104 21.22 -8.19 -31.64
C LEU A 104 22.26 -7.18 -31.19
N ILE A 105 23.53 -7.62 -31.22
CA ILE A 105 24.69 -6.81 -30.85
C ILE A 105 24.64 -5.55 -31.68
N PHE A 106 24.49 -5.75 -33.00
CA PHE A 106 24.42 -4.64 -33.93
C PHE A 106 23.21 -3.73 -33.60
N ALA A 107 22.08 -4.34 -33.23
CA ALA A 107 20.86 -3.61 -32.89
C ALA A 107 21.03 -2.71 -31.69
N THR A 108 21.62 -3.26 -30.64
CA THR A 108 21.82 -2.52 -29.39
C THR A 108 22.74 -1.32 -29.55
N LYS A 109 23.83 -1.49 -30.30
CA LYS A 109 24.75 -0.39 -30.53
C LYS A 109 24.11 0.69 -31.42
N MET A 110 23.38 0.26 -32.45
CA MET A 110 22.72 1.21 -33.34
C MET A 110 21.61 1.99 -32.67
N ALA A 111 20.89 1.36 -31.75
CA ALA A 111 19.81 2.05 -31.05
C ALA A 111 20.41 3.10 -30.12
N TRP A 112 21.60 2.81 -29.59
CA TRP A 112 22.33 3.74 -28.71
C TRP A 112 22.79 4.90 -29.61
N ARG A 113 23.37 4.54 -30.75
CA ARG A 113 23.83 5.49 -31.75
C ARG A 113 22.69 6.46 -32.09
N ASN A 114 21.46 5.91 -32.21
CA ASN A 114 20.26 6.69 -32.51
C ASN A 114 19.56 7.38 -31.33
N ALA A 115 20.14 7.33 -30.13
CA ALA A 115 19.50 7.96 -28.98
C ALA A 115 19.79 9.47 -29.00
N PRO A 116 18.81 10.27 -29.43
CA PRO A 116 19.02 11.71 -29.51
C PRO A 116 19.30 12.46 -28.23
N ARG A 117 18.97 11.85 -27.09
CA ARG A 117 19.17 12.51 -25.81
C ARG A 117 20.46 12.10 -25.08
N CYS A 118 21.28 11.22 -25.69
CA CYS A 118 22.53 10.76 -25.06
C CYS A 118 23.78 11.50 -25.52
N ILE A 119 24.56 12.02 -24.55
CA ILE A 119 25.80 12.74 -24.85
C ILE A 119 26.96 11.80 -25.02
N GLY A 120 26.90 10.66 -24.35
CA GLY A 120 27.97 9.69 -24.37
C GLY A 120 28.13 8.83 -25.59
N ARG A 121 27.33 9.08 -26.62
CA ARG A 121 27.35 8.29 -27.85
C ARG A 121 28.66 8.07 -28.60
N ILE A 122 29.73 8.77 -28.25
CA ILE A 122 31.00 8.54 -28.95
C ILE A 122 31.45 7.11 -28.66
N GLN A 123 30.95 6.59 -27.55
CA GLN A 123 31.24 5.26 -27.06
C GLN A 123 30.41 4.14 -27.67
N TRP A 124 29.43 4.50 -28.49
CA TRP A 124 28.48 3.56 -29.07
C TRP A 124 28.96 2.17 -29.49
N SER A 125 30.17 2.04 -30.00
CA SER A 125 30.62 0.72 -30.40
C SER A 125 31.16 -0.16 -29.26
N ASN A 126 31.44 0.44 -28.11
CA ASN A 126 31.94 -0.34 -26.96
C ASN A 126 30.77 -0.65 -26.05
N LEU A 127 30.12 -1.76 -26.33
CA LEU A 127 28.98 -2.17 -25.53
C LEU A 127 28.97 -3.66 -25.40
N GLN A 128 28.87 -4.14 -24.17
CA GLN A 128 28.80 -5.57 -23.85
C GLN A 128 27.31 -5.97 -23.85
N VAL A 129 27.00 -7.02 -24.61
CA VAL A 129 25.63 -7.47 -24.71
C VAL A 129 25.38 -8.79 -23.98
N PHE A 130 24.47 -8.79 -23.01
CA PHE A 130 24.13 -10.00 -22.30
C PHE A 130 22.80 -10.54 -22.85
N ASP A 131 22.93 -11.69 -23.53
CA ASP A 131 21.81 -12.38 -24.16
C ASP A 131 21.01 -13.20 -23.13
N ALA A 132 19.90 -12.64 -22.68
CA ALA A 132 19.04 -13.32 -21.70
C ALA A 132 17.66 -13.60 -22.33
N ARG A 133 17.66 -13.86 -23.63
CA ARG A 133 16.45 -14.13 -24.36
C ARG A 133 15.84 -15.51 -24.08
N ASN A 134 16.61 -16.36 -23.40
CA ASN A 134 16.21 -17.72 -23.02
C ASN A 134 15.51 -17.71 -21.66
N CYS A 135 15.61 -16.59 -20.94
CA CYS A 135 15.03 -16.41 -19.60
C CYS A 135 13.51 -16.63 -19.54
N SER A 136 13.03 -17.13 -18.39
CA SER A 136 11.61 -17.39 -18.20
C SER A 136 11.04 -17.08 -16.81
N THR A 137 11.88 -17.09 -15.79
CA THR A 137 11.41 -16.78 -14.43
C THR A 137 11.97 -15.46 -13.90
N ALA A 138 11.28 -14.88 -12.92
CA ALA A 138 11.69 -13.63 -12.29
C ALA A 138 13.01 -13.79 -11.57
N GLN A 139 13.20 -15.00 -11.04
CA GLN A 139 14.42 -15.32 -10.31
C GLN A 139 15.61 -15.34 -11.25
N GLU A 140 15.37 -15.78 -12.50
CA GLU A 140 16.43 -15.81 -13.48
C GLU A 140 16.71 -14.39 -13.95
N MET A 141 15.67 -13.56 -13.91
CA MET A 141 15.80 -12.16 -14.31
C MET A 141 16.76 -11.55 -13.33
N PHE A 142 16.44 -11.73 -12.05
CA PHE A 142 17.23 -11.22 -10.95
C PHE A 142 18.70 -11.67 -11.00
N GLN A 143 18.94 -12.91 -11.41
CA GLN A 143 20.31 -13.39 -11.50
C GLN A 143 21.06 -12.69 -12.62
N HIS A 144 20.38 -12.49 -13.76
CA HIS A 144 20.95 -11.81 -14.92
C HIS A 144 21.30 -10.39 -14.57
N ILE A 145 20.35 -9.71 -13.95
CA ILE A 145 20.57 -8.34 -13.54
C ILE A 145 21.77 -8.27 -12.59
N CYS A 146 21.89 -9.22 -11.65
CA CYS A 146 23.05 -9.20 -10.73
C CYS A 146 24.36 -9.34 -11.53
N ARG A 147 24.41 -10.27 -12.50
CA ARG A 147 25.63 -10.44 -13.33
C ARG A 147 25.94 -9.12 -14.03
N HIS A 148 24.88 -8.43 -14.45
CA HIS A 148 25.01 -7.17 -15.15
C HIS A 148 25.70 -6.18 -14.24
N ILE A 149 25.02 -5.87 -13.13
CA ILE A 149 25.52 -4.96 -12.10
C ILE A 149 26.97 -5.28 -11.74
N LEU A 150 27.27 -6.56 -11.52
CA LEU A 150 28.63 -6.99 -11.19
C LEU A 150 29.62 -6.62 -12.29
N TYR A 151 29.31 -7.03 -13.52
CA TYR A 151 30.15 -6.77 -14.70
C TYR A 151 30.35 -5.29 -14.95
N ALA A 152 29.22 -4.56 -14.96
CA ALA A 152 29.20 -3.12 -15.22
C ALA A 152 30.09 -2.38 -14.24
N THR A 153 29.88 -2.61 -12.93
CA THR A 153 30.66 -1.96 -11.88
C THR A 153 32.16 -2.16 -11.99
N ASN A 154 32.59 -3.40 -12.14
CA ASN A 154 34.00 -3.69 -12.29
C ASN A 154 34.86 -2.98 -11.23
N ASN A 155 34.27 -2.74 -10.07
CA ASN A 155 34.96 -2.07 -8.97
C ASN A 155 35.44 -0.65 -9.34
N GLY A 156 34.50 0.18 -9.80
CA GLY A 156 34.83 1.54 -10.19
C GLY A 156 35.14 1.77 -11.66
N ASN A 157 35.86 0.85 -12.29
CA ASN A 157 36.23 0.94 -13.70
C ASN A 157 34.98 0.55 -14.54
N ILE A 158 33.96 1.39 -14.47
CA ILE A 158 32.69 1.19 -15.17
C ILE A 158 32.80 0.77 -16.63
N ARG A 159 32.01 -0.24 -16.98
CA ARG A 159 31.96 -0.77 -18.32
C ARG A 159 30.50 -0.64 -18.80
N SER A 160 30.30 -0.23 -20.06
CA SER A 160 28.95 -0.08 -20.64
C SER A 160 28.43 -1.46 -21.04
N ALA A 161 27.18 -1.75 -20.69
CA ALA A 161 26.60 -3.03 -21.05
C ALA A 161 25.07 -2.98 -21.06
N ILE A 162 24.47 -3.96 -21.72
CA ILE A 162 23.01 -4.05 -21.79
C ILE A 162 22.62 -5.53 -21.62
N THR A 163 21.44 -5.80 -21.07
CA THR A 163 21.02 -7.19 -20.94
C THR A 163 19.62 -7.28 -21.50
N VAL A 164 19.53 -8.05 -22.58
CA VAL A 164 18.29 -8.20 -23.32
C VAL A 164 17.49 -9.41 -22.89
N PHE A 165 16.27 -9.16 -22.42
CA PHE A 165 15.37 -10.25 -22.01
C PHE A 165 14.44 -10.62 -23.20
N PRO A 166 13.61 -11.69 -23.06
CA PRO A 166 12.71 -12.09 -24.15
C PRO A 166 11.83 -11.01 -24.75
N GLN A 167 11.79 -10.99 -26.08
CA GLN A 167 10.99 -10.06 -26.88
C GLN A 167 9.48 -10.23 -26.66
N ARG A 168 8.74 -9.13 -26.80
CA ARG A 168 7.29 -9.16 -26.65
C ARG A 168 6.75 -10.14 -27.67
N SER A 169 5.88 -11.05 -27.23
CA SER A 169 5.28 -12.01 -28.15
C SER A 169 3.86 -11.53 -28.47
N ASP A 170 2.87 -11.96 -27.71
CA ASP A 170 1.49 -11.53 -27.98
C ASP A 170 1.19 -10.16 -27.39
N GLY A 171 1.95 -9.79 -26.37
CA GLY A 171 1.73 -8.53 -25.71
C GLY A 171 1.27 -8.75 -24.29
N LYS A 172 0.85 -9.97 -23.94
CA LYS A 172 0.39 -10.23 -22.57
C LYS A 172 1.35 -11.12 -21.79
N HIS A 173 2.55 -11.30 -22.35
CA HIS A 173 3.62 -12.11 -21.77
C HIS A 173 4.93 -11.29 -21.66
N ASP A 174 4.78 -9.98 -21.52
CA ASP A 174 5.89 -9.03 -21.43
C ASP A 174 6.81 -9.16 -20.21
N PHE A 175 8.11 -9.07 -20.44
CA PHE A 175 9.09 -9.07 -19.36
C PHE A 175 9.33 -7.57 -19.07
N ARG A 176 9.14 -7.14 -17.83
CA ARG A 176 9.32 -5.73 -17.48
C ARG A 176 10.04 -5.55 -16.17
N LEU A 177 10.86 -4.50 -16.06
CA LEU A 177 11.52 -4.13 -14.80
C LEU A 177 10.71 -2.91 -14.42
N TRP A 178 10.08 -2.93 -13.25
CA TRP A 178 9.23 -1.83 -12.80
C TRP A 178 10.00 -0.61 -12.31
N ASN A 179 11.31 -0.78 -12.15
CA ASN A 179 12.22 0.27 -11.71
C ASN A 179 12.60 1.18 -12.86
N SER A 180 12.80 2.45 -12.55
CA SER A 180 13.21 3.43 -13.53
C SER A 180 14.70 3.19 -13.80
N GLN A 181 15.44 2.91 -12.73
CA GLN A 181 16.87 2.63 -12.83
C GLN A 181 17.21 1.33 -12.10
N LEU A 182 18.27 0.67 -12.55
CA LEU A 182 18.71 -0.57 -11.92
C LEU A 182 18.95 -0.29 -10.44
N ILE A 183 19.85 0.65 -10.13
CA ILE A 183 20.20 1.07 -8.75
C ILE A 183 19.63 2.46 -8.53
N ARG A 184 18.87 2.64 -7.45
CA ARG A 184 18.26 3.93 -7.20
C ARG A 184 17.81 4.07 -5.72
N TYR A 185 17.88 5.27 -5.15
CA TYR A 185 17.50 5.46 -3.74
C TYR A 185 16.04 5.69 -3.52
N ALA A 186 15.61 5.29 -2.33
CA ALA A 186 14.22 5.41 -1.90
C ALA A 186 13.89 6.80 -1.38
N GLY A 187 12.62 7.17 -1.47
CA GLY A 187 12.20 8.45 -0.99
C GLY A 187 10.95 8.27 -0.17
N TYR A 188 11.03 8.59 1.12
CA TYR A 188 9.88 8.46 2.03
C TYR A 188 9.42 9.83 2.49
N GLN A 189 8.11 9.99 2.69
CA GLN A 189 7.64 11.24 3.24
C GLN A 189 7.75 11.05 4.78
N MET A 190 8.57 11.86 5.45
CA MET A 190 8.77 11.76 6.91
C MET A 190 7.61 12.39 7.70
N PRO A 191 7.43 11.97 9.00
CA PRO A 191 6.37 12.49 9.88
C PRO A 191 6.30 14.02 9.99
N ASP A 192 7.47 14.65 10.12
CA ASP A 192 7.62 16.12 10.25
C ASP A 192 7.36 17.02 9.02
N GLY A 193 6.60 16.51 8.04
CA GLY A 193 6.29 17.29 6.85
C GLY A 193 7.27 17.13 5.69
N THR A 194 8.54 16.86 6.03
CA THR A 194 9.60 16.70 5.05
C THR A 194 9.50 15.45 4.16
N ILE A 195 10.62 15.11 3.53
CA ILE A 195 10.75 13.99 2.62
C ILE A 195 12.24 13.64 2.71
N ARG A 196 12.57 12.35 2.90
CA ARG A 196 13.98 11.94 2.97
C ARG A 196 14.35 11.10 1.76
N GLY A 197 15.63 11.12 1.40
CA GLY A 197 16.13 10.38 0.25
C GLY A 197 15.90 11.05 -1.10
N ASP A 198 15.30 10.32 -2.03
CA ASP A 198 15.04 10.85 -3.37
C ASP A 198 13.57 11.13 -3.53
N ALA A 199 13.19 12.40 -3.51
CA ALA A 199 11.78 12.77 -3.66
C ALA A 199 11.15 12.27 -4.96
N ALA A 200 12.01 11.94 -5.93
CA ALA A 200 11.55 11.49 -7.24
C ALA A 200 10.99 10.08 -7.18
N THR A 201 11.56 9.25 -6.32
CA THR A 201 11.10 7.87 -6.16
C THR A 201 9.98 7.69 -5.12
N LEU A 202 9.28 8.76 -4.75
CA LEU A 202 8.19 8.67 -3.78
C LEU A 202 7.11 7.64 -4.14
N GLU A 203 6.31 7.90 -5.19
CA GLU A 203 5.25 6.98 -5.62
C GLU A 203 5.74 5.54 -5.81
N PHE A 204 6.97 5.36 -6.31
CA PHE A 204 7.49 4.02 -6.52
C PHE A 204 7.87 3.28 -5.24
N THR A 205 8.50 3.99 -4.30
CA THR A 205 8.88 3.41 -3.02
C THR A 205 7.60 2.93 -2.32
N GLN A 206 6.51 3.65 -2.53
CA GLN A 206 5.24 3.28 -1.95
C GLN A 206 4.76 1.98 -2.58
N LEU A 207 5.05 1.77 -3.86
CA LEU A 207 4.66 0.55 -4.56
C LEU A 207 5.47 -0.61 -4.01
N CYS A 208 6.75 -0.35 -3.79
CA CYS A 208 7.65 -1.37 -3.26
C CYS A 208 7.20 -1.81 -1.89
N ILE A 209 6.83 -0.86 -1.05
CA ILE A 209 6.41 -1.20 0.29
C ILE A 209 5.07 -1.96 0.25
N ASP A 210 4.20 -1.63 -0.71
CA ASP A 210 2.90 -2.30 -0.87
C ASP A 210 3.04 -3.73 -1.36
N LEU A 211 4.18 -4.06 -1.96
CA LEU A 211 4.44 -5.42 -2.44
C LEU A 211 5.31 -6.10 -1.39
N GLY A 212 5.35 -5.49 -0.21
CA GLY A 212 6.11 -6.04 0.90
C GLY A 212 7.59 -5.79 1.04
N TRP A 213 8.09 -4.61 0.64
CA TRP A 213 9.54 -4.34 0.83
C TRP A 213 9.68 -3.73 2.22
N LYS A 214 10.80 -4.05 2.91
CA LYS A 214 11.10 -3.54 4.27
C LYS A 214 11.74 -2.13 4.23
N PRO A 215 10.95 -1.05 4.49
CA PRO A 215 11.45 0.33 4.46
C PRO A 215 12.48 0.70 5.53
N ARG A 216 13.74 0.85 5.14
CA ARG A 216 14.82 1.19 6.06
C ARG A 216 14.95 2.71 6.42
N TYR A 217 13.84 3.47 6.25
CA TYR A 217 13.71 4.91 6.50
C TYR A 217 14.89 5.89 6.55
N GLY A 218 15.90 5.64 5.70
CA GLY A 218 17.11 6.47 5.60
C GLY A 218 17.17 7.43 4.42
N ARG A 219 18.36 7.95 4.11
CA ARG A 219 18.46 8.91 3.00
C ARG A 219 19.11 8.37 1.73
N PHE A 220 19.76 7.23 1.84
CA PHE A 220 20.42 6.59 0.71
C PHE A 220 20.09 5.08 0.70
N ASP A 221 18.81 4.76 0.81
CA ASP A 221 18.38 3.36 0.83
C ASP A 221 18.09 2.85 -0.55
N VAL A 222 19.04 2.05 -1.07
CA VAL A 222 18.97 1.40 -2.38
C VAL A 222 17.72 0.55 -2.44
N LEU A 223 16.78 0.95 -3.30
CA LEU A 223 15.49 0.28 -3.52
C LEU A 223 15.66 -1.12 -4.11
N PRO A 224 14.60 -1.97 -4.02
CA PRO A 224 14.66 -3.34 -4.56
C PRO A 224 14.26 -3.43 -6.05
N LEU A 225 14.79 -4.48 -6.71
CA LEU A 225 14.46 -4.81 -8.09
C LEU A 225 13.01 -5.36 -8.05
N VAL A 226 12.13 -4.81 -8.87
CA VAL A 226 10.73 -5.25 -8.94
C VAL A 226 10.57 -5.80 -10.35
N LEU A 227 10.69 -7.12 -10.44
CA LEU A 227 10.65 -7.85 -11.70
C LEU A 227 9.34 -8.49 -12.16
N GLN A 228 8.99 -8.28 -13.43
CA GLN A 228 7.80 -8.85 -14.06
C GLN A 228 8.27 -9.81 -15.15
N ALA A 229 8.02 -11.11 -15.01
CA ALA A 229 8.43 -12.12 -16.00
C ALA A 229 7.26 -12.75 -16.73
N ASP A 230 7.44 -13.05 -18.02
CA ASP A 230 6.37 -13.61 -18.86
C ASP A 230 5.14 -12.72 -18.65
N GLY A 231 3.99 -13.25 -18.28
CA GLY A 231 2.88 -12.34 -18.08
C GLY A 231 2.69 -11.91 -16.64
N GLN A 232 3.21 -12.76 -15.75
CA GLN A 232 3.13 -12.69 -14.28
C GLN A 232 3.22 -11.38 -13.53
N ASP A 233 2.80 -11.44 -12.27
CA ASP A 233 2.84 -10.31 -11.34
C ASP A 233 4.29 -10.07 -10.99
N PRO A 234 4.63 -8.83 -10.59
CA PRO A 234 6.02 -8.56 -10.24
C PRO A 234 6.42 -9.06 -8.86
N GLU A 235 7.63 -9.60 -8.81
CA GLU A 235 8.23 -10.11 -7.59
C GLU A 235 9.31 -9.14 -7.17
N VAL A 236 9.45 -8.98 -5.87
CA VAL A 236 10.42 -8.07 -5.28
C VAL A 236 11.72 -8.80 -4.91
N PHE A 237 12.87 -8.27 -5.33
CA PHE A 237 14.17 -8.86 -5.01
C PHE A 237 15.09 -7.77 -4.44
N GLU A 238 15.79 -8.08 -3.34
CA GLU A 238 16.70 -7.13 -2.70
C GLU A 238 18.02 -7.14 -3.45
N ILE A 239 18.58 -5.97 -3.74
CA ILE A 239 19.86 -5.99 -4.45
C ILE A 239 20.96 -6.26 -3.46
N PRO A 240 21.75 -7.32 -3.71
CA PRO A 240 22.85 -7.65 -2.81
C PRO A 240 23.76 -6.43 -2.67
N PRO A 241 23.84 -5.90 -1.44
CA PRO A 241 24.64 -4.74 -1.05
C PRO A 241 26.06 -4.78 -1.54
N ASP A 242 26.63 -5.98 -1.60
CA ASP A 242 28.01 -6.13 -2.06
C ASP A 242 28.14 -5.66 -3.50
N LEU A 243 27.04 -5.80 -4.26
CA LEU A 243 26.99 -5.42 -5.67
C LEU A 243 26.88 -3.92 -5.93
N VAL A 244 26.19 -3.23 -5.03
CA VAL A 244 25.98 -1.79 -5.10
C VAL A 244 27.21 -1.00 -4.63
N LEU A 245 27.93 -0.39 -5.58
CA LEU A 245 29.10 0.42 -5.28
C LEU A 245 28.68 1.89 -5.20
N GLU A 246 29.05 2.57 -4.11
CA GLU A 246 28.73 4.00 -3.91
C GLU A 246 29.99 4.87 -3.78
N VAL A 247 29.79 6.19 -3.82
CA VAL A 247 30.89 7.15 -3.71
C VAL A 247 30.44 8.20 -2.70
N THR A 248 31.20 8.35 -1.63
CA THR A 248 30.89 9.36 -0.61
C THR A 248 31.59 10.65 -1.02
N MET A 249 30.89 11.75 -0.82
CA MET A 249 31.40 13.05 -1.24
C MET A 249 32.37 13.79 -0.33
N GLU A 250 33.41 14.34 -0.93
CA GLU A 250 34.40 15.14 -0.24
C GLU A 250 35.20 16.09 -1.14
N HIS A 251 35.29 17.34 -0.69
CA HIS A 251 35.96 18.47 -1.36
C HIS A 251 37.47 18.58 -1.06
N PRO A 252 38.30 18.79 -2.10
CA PRO A 252 39.76 18.90 -1.89
C PRO A 252 40.22 20.21 -1.25
N LYS A 253 39.31 20.89 -0.56
CA LYS A 253 39.61 22.16 0.08
C LYS A 253 38.70 22.31 1.29
N TYR A 254 37.39 22.29 1.05
CA TYR A 254 36.37 22.45 2.08
C TYR A 254 36.15 21.13 2.82
N GLU A 255 36.94 20.90 3.88
CA GLU A 255 36.89 19.66 4.68
C GLU A 255 35.59 19.41 5.45
N TRP A 256 34.72 20.41 5.51
CA TRP A 256 33.44 20.30 6.19
C TRP A 256 32.44 19.63 5.27
N PHE A 257 32.75 19.55 3.97
CA PHE A 257 31.85 18.95 2.99
C PHE A 257 31.45 17.51 3.32
N GLN A 258 32.43 16.64 3.58
CA GLN A 258 32.11 15.25 3.88
C GLN A 258 31.21 15.09 5.08
N GLU A 259 31.25 16.07 5.97
CA GLU A 259 30.39 16.05 7.16
C GLU A 259 28.92 16.29 6.76
N LEU A 260 28.66 16.36 5.47
CA LEU A 260 27.30 16.53 4.96
C LEU A 260 26.63 15.19 4.89
N GLY A 261 27.47 14.14 4.85
CA GLY A 261 27.04 12.74 4.79
C GLY A 261 26.34 12.38 3.50
N LEU A 262 26.98 12.77 2.40
CA LEU A 262 26.46 12.58 1.08
C LEU A 262 27.21 11.58 0.25
N LYS A 263 26.44 10.88 -0.58
CA LYS A 263 26.98 9.87 -1.48
C LYS A 263 26.02 9.63 -2.66
N TRP A 264 26.50 8.84 -3.63
CA TRP A 264 25.69 8.48 -4.77
C TRP A 264 26.23 7.20 -5.36
N TYR A 265 25.34 6.39 -5.94
CA TYR A 265 25.75 5.14 -6.56
C TYR A 265 26.57 5.40 -7.82
N ALA A 266 27.58 4.58 -8.03
CA ALA A 266 28.45 4.70 -9.17
C ALA A 266 27.88 4.16 -10.49
N LEU A 267 26.63 3.64 -10.47
CA LEU A 267 26.07 3.05 -11.68
C LEU A 267 24.78 3.60 -12.22
N PRO A 268 24.86 4.28 -13.39
CA PRO A 268 23.73 4.89 -14.10
C PRO A 268 23.23 3.81 -15.07
N ALA A 269 22.11 3.19 -14.68
CA ALA A 269 21.50 2.12 -15.46
C ALA A 269 20.01 2.30 -15.63
N VAL A 270 19.62 2.57 -16.88
CA VAL A 270 18.21 2.78 -17.27
C VAL A 270 17.60 1.41 -17.34
N ALA A 271 16.52 1.24 -16.60
CA ALA A 271 15.89 -0.05 -16.50
C ALA A 271 14.59 -0.25 -17.22
N ASN A 272 13.81 0.81 -17.38
CA ASN A 272 12.49 0.74 -17.97
C ASN A 272 12.29 1.07 -19.46
N MET A 273 13.34 1.00 -20.27
CA MET A 273 13.16 1.35 -21.67
C MET A 273 12.96 0.17 -22.62
N LEU A 274 12.35 0.45 -23.76
CA LEU A 274 12.08 -0.59 -24.74
C LEU A 274 12.95 -0.49 -26.00
N LEU A 275 13.53 -1.62 -26.41
CA LEU A 275 14.35 -1.64 -27.61
C LEU A 275 13.52 -2.11 -28.81
N GLU A 276 13.44 -1.29 -29.85
CA GLU A 276 12.74 -1.69 -31.06
C GLU A 276 13.78 -1.97 -32.12
N VAL A 277 13.54 -3.02 -32.90
CA VAL A 277 14.45 -3.37 -33.96
C VAL A 277 13.78 -4.34 -34.92
N GLY A 278 13.75 -3.95 -36.19
CA GLY A 278 13.20 -4.78 -37.25
C GLY A 278 11.84 -5.43 -37.03
N GLY A 279 10.88 -4.65 -36.55
CA GLY A 279 9.55 -5.15 -36.31
C GLY A 279 9.36 -5.74 -34.93
N LEU A 280 10.47 -6.11 -34.30
CA LEU A 280 10.47 -6.70 -32.94
C LEU A 280 10.60 -5.65 -31.86
N GLU A 281 10.20 -6.02 -30.64
CA GLU A 281 10.31 -5.12 -29.51
C GLU A 281 10.63 -5.86 -28.21
N PHE A 282 11.61 -5.33 -27.49
CA PHE A 282 12.06 -5.89 -26.21
C PHE A 282 11.70 -4.96 -25.05
N PRO A 283 10.59 -5.23 -24.33
CA PRO A 283 10.20 -4.37 -23.21
C PRO A 283 11.08 -4.40 -21.94
N ALA A 284 12.06 -5.30 -21.91
CA ALA A 284 12.99 -5.39 -20.78
C ALA A 284 14.38 -5.53 -21.38
N CYS A 285 15.19 -4.49 -21.21
CA CYS A 285 16.55 -4.46 -21.74
C CYS A 285 17.35 -3.35 -21.03
N PRO A 286 17.58 -3.50 -19.69
CA PRO A 286 18.34 -2.49 -18.95
C PRO A 286 19.74 -2.26 -19.52
N PHE A 287 20.17 -1.00 -19.51
CA PHE A 287 21.49 -0.63 -20.04
C PHE A 287 22.13 0.42 -19.16
N ASN A 288 23.46 0.48 -19.22
CA ASN A 288 24.24 1.44 -18.43
C ASN A 288 25.48 1.97 -19.14
N GLY A 289 25.88 3.18 -18.77
CA GLY A 289 27.11 3.76 -19.27
C GLY A 289 27.75 4.29 -17.99
N TRP A 290 28.60 5.31 -18.04
CA TRP A 290 29.14 5.88 -16.82
C TRP A 290 28.49 7.23 -16.57
N TYR A 291 28.71 7.80 -15.39
CA TYR A 291 28.10 9.08 -15.05
C TYR A 291 28.82 10.29 -15.61
N MET A 292 28.09 11.40 -15.64
CA MET A 292 28.58 12.70 -16.03
C MET A 292 28.25 13.52 -14.77
N GLY A 293 29.29 14.05 -14.14
CA GLY A 293 29.19 14.79 -12.90
C GLY A 293 27.94 15.59 -12.62
N THR A 294 27.50 16.35 -13.63
CA THR A 294 26.33 17.20 -13.50
C THR A 294 25.04 16.47 -13.15
N GLU A 295 24.98 15.20 -13.54
CA GLU A 295 23.82 14.36 -13.28
C GLU A 295 23.61 14.26 -11.77
N ILE A 296 24.72 14.05 -11.06
CA ILE A 296 24.73 13.92 -9.61
C ILE A 296 24.79 15.28 -8.92
N GLY A 297 25.84 16.04 -9.25
CA GLY A 297 26.08 17.36 -8.67
C GLY A 297 24.96 18.37 -8.85
N VAL A 298 24.49 18.54 -10.09
CA VAL A 298 23.43 19.52 -10.40
C VAL A 298 21.99 19.00 -10.24
N ARG A 299 21.67 17.93 -10.96
CA ARG A 299 20.33 17.40 -10.96
C ARG A 299 19.93 16.60 -9.73
N ASP A 300 20.69 15.56 -9.40
CA ASP A 300 20.36 14.73 -8.24
C ASP A 300 20.37 15.52 -6.93
N PHE A 301 21.48 16.22 -6.69
CA PHE A 301 21.65 17.02 -5.47
C PHE A 301 20.93 18.36 -5.37
N CYS A 302 20.97 19.17 -6.43
CA CYS A 302 20.37 20.51 -6.40
C CYS A 302 18.95 20.76 -6.85
N ASP A 303 18.33 19.80 -7.53
CA ASP A 303 16.97 19.98 -7.99
C ASP A 303 16.03 20.12 -6.83
N THR A 304 15.00 20.94 -6.99
CA THR A 304 14.02 21.13 -5.94
C THR A 304 13.35 19.77 -5.65
N GLN A 305 12.85 19.13 -6.71
CA GLN A 305 12.15 17.85 -6.69
C GLN A 305 13.01 16.59 -6.41
N ARG A 306 14.30 16.79 -6.16
CA ARG A 306 15.19 15.69 -5.85
C ARG A 306 15.74 15.93 -4.45
N TYR A 307 17.05 15.78 -4.30
CA TYR A 307 17.68 15.99 -3.01
C TYR A 307 17.66 17.41 -2.45
N ASN A 308 17.61 18.44 -3.31
CA ASN A 308 17.54 19.85 -2.88
C ASN A 308 18.55 20.35 -1.82
N ILE A 309 19.85 20.23 -2.08
CA ILE A 309 20.85 20.65 -1.10
C ILE A 309 21.39 22.11 -1.15
N LEU A 310 21.12 22.87 -2.23
CA LEU A 310 21.64 24.24 -2.41
C LEU A 310 21.57 25.22 -1.25
N GLU A 311 20.37 25.38 -0.69
CA GLU A 311 20.15 26.27 0.46
C GLU A 311 21.26 26.15 1.51
N GLU A 312 21.53 24.95 2.00
CA GLU A 312 22.55 24.80 3.02
C GLU A 312 24.00 24.72 2.59
N VAL A 313 24.26 24.45 1.32
CA VAL A 313 25.65 24.41 0.83
C VAL A 313 26.09 25.87 0.69
N GLY A 314 25.09 26.72 0.47
CA GLY A 314 25.31 28.14 0.35
C GLY A 314 25.64 28.63 1.74
N ARG A 315 24.76 28.32 2.70
CA ARG A 315 24.93 28.71 4.10
C ARG A 315 26.32 28.37 4.60
N ARG A 316 26.71 27.12 4.42
CA ARG A 316 28.00 26.63 4.86
C ARG A 316 29.20 27.12 4.07
N MET A 317 28.96 28.04 3.12
CA MET A 317 30.03 28.63 2.31
C MET A 317 30.13 30.12 2.63
N GLY A 318 29.30 30.56 3.58
CA GLY A 318 29.24 31.97 3.97
C GLY A 318 28.04 32.58 3.28
N LEU A 319 28.23 32.81 1.97
CA LEU A 319 27.27 33.35 0.99
C LEU A 319 25.93 33.94 1.44
N GLU A 320 25.57 35.10 0.86
CA GLU A 320 24.31 35.78 1.16
C GLU A 320 23.22 34.99 0.47
N THR A 321 22.69 34.04 1.22
CA THR A 321 21.68 33.14 0.75
C THR A 321 20.28 33.72 0.59
N HIS A 322 20.10 34.99 0.97
CA HIS A 322 18.78 35.61 0.88
C HIS A 322 18.72 36.76 -0.09
N THR A 323 19.82 36.85 -0.85
CA THR A 323 20.03 37.85 -1.88
C THR A 323 20.26 37.09 -3.19
N LEU A 324 19.19 36.86 -3.97
CA LEU A 324 19.30 36.13 -5.25
C LEU A 324 20.42 36.66 -6.15
N ALA A 325 20.44 37.98 -6.29
CA ALA A 325 21.41 38.68 -7.13
C ALA A 325 22.89 38.47 -6.74
N SER A 326 23.16 37.92 -5.55
CA SER A 326 24.54 37.68 -5.12
C SER A 326 25.21 36.57 -5.90
N LEU A 327 24.37 35.75 -6.55
CA LEU A 327 24.82 34.61 -7.36
C LEU A 327 25.40 33.45 -6.52
N TRP A 328 24.83 33.27 -5.33
CA TRP A 328 25.29 32.22 -4.42
C TRP A 328 25.09 30.86 -5.07
N LYS A 329 23.86 30.63 -5.57
CA LYS A 329 23.52 29.38 -6.23
C LYS A 329 24.59 29.03 -7.27
N ASP A 330 25.09 30.03 -8.00
CA ASP A 330 26.14 29.77 -9.00
C ASP A 330 27.40 29.30 -8.31
N ARG A 331 27.71 29.94 -7.19
CA ARG A 331 28.91 29.64 -6.41
C ARG A 331 28.91 28.23 -5.87
N ALA A 332 27.84 27.88 -5.16
CA ALA A 332 27.64 26.56 -4.56
C ALA A 332 27.68 25.42 -5.57
N VAL A 333 26.76 25.46 -6.53
CA VAL A 333 26.66 24.39 -7.53
C VAL A 333 27.99 24.04 -8.16
N THR A 334 28.87 25.03 -8.27
CA THR A 334 30.19 24.83 -8.87
C THR A 334 31.05 23.97 -7.93
N GLU A 335 30.92 24.23 -6.62
CA GLU A 335 31.66 23.50 -5.59
C GLU A 335 31.11 22.07 -5.41
N ILE A 336 29.77 21.93 -5.44
CA ILE A 336 29.11 20.63 -5.35
C ILE A 336 29.55 19.76 -6.54
N ASN A 337 29.95 20.41 -7.63
CA ASN A 337 30.38 19.67 -8.78
C ASN A 337 31.83 19.22 -8.72
N VAL A 338 32.70 20.05 -8.14
CA VAL A 338 34.12 19.68 -8.02
C VAL A 338 34.23 18.56 -6.97
N ALA A 339 33.28 18.55 -6.04
CA ALA A 339 33.24 17.54 -4.99
C ALA A 339 33.01 16.19 -5.68
N VAL A 340 31.87 16.09 -6.35
CA VAL A 340 31.47 14.90 -7.08
C VAL A 340 32.65 14.36 -7.90
N LEU A 341 33.23 15.19 -8.76
CA LEU A 341 34.35 14.80 -9.62
C LEU A 341 35.63 14.42 -8.88
N HIS A 342 35.83 15.04 -7.72
CA HIS A 342 36.99 14.74 -6.89
C HIS A 342 36.70 13.42 -6.18
N SER A 343 35.54 13.32 -5.51
CA SER A 343 35.12 12.11 -4.81
C SER A 343 35.15 10.92 -5.71
N PHE A 344 34.67 11.09 -6.94
CA PHE A 344 34.68 9.97 -7.88
C PHE A 344 36.11 9.67 -8.32
N GLN A 345 36.88 10.71 -8.61
CA GLN A 345 38.26 10.55 -9.04
C GLN A 345 39.15 9.86 -7.99
N LYS A 346 39.01 10.29 -6.73
CA LYS A 346 39.77 9.77 -5.59
C LYS A 346 39.49 8.29 -5.35
N GLN A 347 38.19 7.95 -5.29
CA GLN A 347 37.75 6.58 -5.08
C GLN A 347 37.86 5.66 -6.29
N ASN A 348 38.65 6.08 -7.28
CA ASN A 348 38.90 5.33 -8.51
C ASN A 348 37.70 4.80 -9.31
N VAL A 349 36.63 5.62 -9.34
CA VAL A 349 35.39 5.33 -10.04
C VAL A 349 35.25 6.26 -11.24
N THR A 350 35.06 5.68 -12.43
CA THR A 350 34.87 6.42 -13.69
C THR A 350 33.83 7.54 -13.59
N ILE A 351 34.15 8.67 -14.18
CA ILE A 351 33.26 9.83 -14.17
C ILE A 351 33.72 10.67 -15.35
N MET A 352 32.84 11.55 -15.81
CA MET A 352 33.16 12.43 -16.91
C MET A 352 32.56 13.78 -16.60
N ASP A 353 33.38 14.83 -16.71
CA ASP A 353 32.91 16.20 -16.47
C ASP A 353 32.17 16.66 -17.74
N HIS A 354 31.22 17.58 -17.58
CA HIS A 354 30.47 18.03 -18.75
C HIS A 354 31.21 18.72 -19.89
N HIS A 355 32.30 19.41 -19.58
CA HIS A 355 33.05 20.10 -20.64
C HIS A 355 33.68 19.07 -21.56
N THR A 356 34.39 18.09 -21.00
CA THR A 356 35.04 17.03 -21.81
C THR A 356 33.98 16.18 -22.52
N ALA A 357 32.81 16.03 -21.88
CA ALA A 357 31.69 15.27 -22.43
C ALA A 357 31.18 15.97 -23.68
N SER A 358 30.91 17.28 -23.54
CA SER A 358 30.43 18.11 -24.64
C SER A 358 31.43 18.08 -25.76
N GLU A 359 32.72 18.19 -25.45
CA GLU A 359 33.71 18.17 -26.52
C GLU A 359 33.77 16.87 -27.25
N SER A 360 33.58 15.74 -26.53
CA SER A 360 33.59 14.41 -27.15
C SER A 360 32.34 14.21 -27.99
N PHE A 361 31.21 14.74 -27.52
CA PHE A 361 30.01 14.59 -28.33
C PHE A 361 30.15 15.34 -29.65
N MET A 362 30.72 16.54 -29.60
CA MET A 362 30.91 17.35 -30.80
C MET A 362 31.75 16.59 -31.80
N LYS A 363 32.80 15.92 -31.31
CA LYS A 363 33.68 15.11 -32.17
C LYS A 363 32.90 13.93 -32.78
N HIS A 364 31.99 13.38 -31.98
CA HIS A 364 31.14 12.28 -32.38
C HIS A 364 30.16 12.76 -33.49
N MET A 365 29.56 13.92 -33.26
CA MET A 365 28.59 14.50 -34.20
C MET A 365 29.24 14.66 -35.57
N GLN A 366 30.47 15.17 -35.62
CA GLN A 366 31.20 15.33 -36.89
C GLN A 366 31.45 13.97 -37.52
N ASN A 367 31.86 13.00 -36.70
CA ASN A 367 32.13 11.63 -37.19
C ASN A 367 30.86 11.06 -37.80
N GLU A 368 29.73 11.33 -37.16
CA GLU A 368 28.42 10.84 -37.60
C GLU A 368 27.97 11.39 -38.93
N TYR A 369 28.05 12.71 -39.08
CA TYR A 369 27.66 13.37 -40.34
C TYR A 369 28.57 12.88 -41.44
N ARG A 370 29.86 12.78 -41.14
CA ARG A 370 30.83 12.28 -42.10
C ARG A 370 30.50 10.82 -42.44
N ALA A 371 30.21 10.01 -41.43
CA ALA A 371 29.91 8.58 -41.63
C ALA A 371 28.53 8.25 -42.20
N ARG A 372 27.49 8.95 -41.78
CA ARG A 372 26.16 8.63 -42.32
C ARG A 372 25.22 9.77 -42.69
N GLY A 373 25.72 11.00 -42.60
CA GLY A 373 24.94 12.15 -43.01
C GLY A 373 24.03 12.77 -41.99
N GLY A 374 24.28 12.45 -40.73
CA GLY A 374 23.46 13.02 -39.69
C GLY A 374 23.64 12.34 -38.36
N CYS A 375 23.06 12.94 -37.35
CA CYS A 375 23.10 12.43 -36.00
C CYS A 375 21.89 13.02 -35.30
N PRO A 376 20.89 12.16 -34.97
CA PRO A 376 19.69 12.67 -34.29
C PRO A 376 20.13 13.26 -32.94
N ALA A 377 19.76 14.50 -32.68
CA ALA A 377 20.18 15.12 -31.43
C ALA A 377 19.13 16.00 -30.79
N ASP A 378 19.00 15.92 -29.47
CA ASP A 378 18.02 16.72 -28.74
C ASP A 378 18.76 17.72 -27.88
N TRP A 379 18.94 18.90 -28.45
CA TRP A 379 19.64 20.03 -27.83
C TRP A 379 19.20 20.22 -26.38
N ILE A 380 17.88 20.12 -26.13
CA ILE A 380 17.36 20.34 -24.79
C ILE A 380 17.91 19.35 -23.77
N TRP A 381 18.31 18.18 -24.23
CA TRP A 381 18.84 17.17 -23.34
C TRP A 381 20.34 17.12 -23.37
N LEU A 382 20.91 17.45 -24.54
CA LEU A 382 22.35 17.42 -24.75
C LEU A 382 23.13 18.56 -24.11
N VAL A 383 22.50 19.70 -23.89
CA VAL A 383 23.20 20.81 -23.26
C VAL A 383 23.14 20.66 -21.73
N PRO A 384 24.33 20.54 -21.06
CA PRO A 384 24.43 20.39 -19.62
C PRO A 384 23.57 21.35 -18.79
N PRO A 385 23.10 20.90 -17.60
CA PRO A 385 22.26 21.74 -16.74
C PRO A 385 22.94 22.97 -16.12
N VAL A 386 24.23 23.14 -16.41
CA VAL A 386 24.99 24.29 -15.95
C VAL A 386 26.02 24.63 -17.00
N SER A 387 26.46 25.89 -17.01
CA SER A 387 27.50 26.38 -17.93
C SER A 387 27.13 26.22 -19.41
N GLY A 388 25.84 26.39 -19.70
CA GLY A 388 25.32 26.26 -21.04
C GLY A 388 26.22 26.64 -22.21
N SER A 389 26.34 27.95 -22.46
CA SER A 389 27.16 28.44 -23.56
C SER A 389 28.67 28.26 -23.41
N ILE A 390 29.14 27.80 -22.24
CA ILE A 390 30.58 27.57 -22.03
C ILE A 390 30.95 26.25 -22.71
N THR A 391 29.94 25.47 -23.06
CA THR A 391 30.15 24.19 -23.71
C THR A 391 29.92 24.36 -25.22
N PRO A 392 30.60 23.55 -26.05
CA PRO A 392 30.46 23.62 -27.52
C PRO A 392 29.06 23.28 -28.06
N VAL A 393 28.39 22.32 -27.42
CA VAL A 393 27.08 21.87 -27.88
C VAL A 393 25.97 22.93 -27.92
N PHE A 394 26.13 23.98 -27.13
CA PHE A 394 25.13 25.05 -27.08
C PHE A 394 25.06 25.81 -28.40
N HIS A 395 26.22 25.96 -29.05
CA HIS A 395 26.36 26.70 -30.31
C HIS A 395 26.15 25.85 -31.54
N GLN A 396 25.84 24.58 -31.33
CA GLN A 396 25.60 23.68 -32.43
C GLN A 396 24.12 23.52 -32.73
N GLU A 397 23.67 23.89 -33.93
CA GLU A 397 22.26 23.71 -34.29
C GLU A 397 22.10 22.22 -34.56
N MET A 398 20.97 21.65 -34.16
CA MET A 398 20.77 20.23 -34.39
C MET A 398 19.35 19.81 -34.73
N LEU A 399 19.28 18.64 -35.35
CA LEU A 399 18.02 18.04 -35.77
C LEU A 399 17.70 16.82 -34.92
N ASN A 400 16.46 16.74 -34.47
CA ASN A 400 16.03 15.66 -33.62
C ASN A 400 15.03 14.79 -34.36
N TYR A 401 15.34 13.50 -34.51
CA TYR A 401 14.44 12.57 -35.19
C TYR A 401 14.60 11.13 -34.69
N VAL A 402 13.53 10.35 -34.85
CA VAL A 402 13.46 8.93 -34.44
C VAL A 402 13.79 7.95 -35.57
N LEU A 403 14.93 7.29 -35.47
CA LEU A 403 15.29 6.30 -36.47
C LEU A 403 14.97 4.93 -35.86
N SER A 404 15.49 3.87 -36.48
CA SER A 404 15.32 2.49 -36.01
C SER A 404 16.61 1.70 -36.32
N PRO A 405 17.09 0.92 -35.34
CA PRO A 405 16.55 0.64 -34.01
C PRO A 405 16.52 1.88 -33.08
N PHE A 406 15.82 1.76 -31.96
CA PHE A 406 15.68 2.89 -31.07
C PHE A 406 15.28 2.42 -29.69
N TYR A 407 15.57 3.24 -28.68
CA TYR A 407 15.20 2.97 -27.30
C TYR A 407 14.02 3.86 -26.98
N TYR A 408 12.86 3.25 -26.75
CA TYR A 408 11.64 4.02 -26.45
C TYR A 408 11.30 3.99 -24.98
N TYR A 409 10.44 4.92 -24.60
CA TYR A 409 9.92 5.03 -23.24
C TYR A 409 8.77 4.07 -23.27
N GLN A 410 8.26 3.68 -22.11
CA GLN A 410 7.12 2.78 -22.07
C GLN A 410 6.15 3.38 -21.09
N ILE A 411 4.85 3.10 -21.25
CA ILE A 411 3.83 3.58 -20.30
C ILE A 411 4.11 2.81 -19.00
N GLU A 412 4.28 3.50 -17.88
CA GLU A 412 4.58 2.84 -16.60
C GLU A 412 3.67 1.68 -16.33
N PRO A 413 4.26 0.49 -16.09
CA PRO A 413 3.62 -0.81 -15.82
C PRO A 413 2.47 -0.89 -14.83
N TRP A 414 2.52 -0.15 -13.73
CA TRP A 414 1.42 -0.20 -12.77
C TRP A 414 0.13 0.35 -13.34
N LYS A 415 0.22 1.22 -14.34
CA LYS A 415 -0.96 1.81 -14.98
C LYS A 415 -1.63 0.84 -15.95
N THR A 416 -0.91 -0.15 -16.46
CA THR A 416 -1.49 -1.09 -17.42
C THR A 416 -1.46 -2.56 -17.06
N HIS A 417 -0.98 -2.89 -15.87
CA HIS A 417 -0.88 -4.28 -15.46
C HIS A 417 -2.17 -4.92 -14.96
N ILE A 418 -2.53 -6.03 -15.60
CA ILE A 418 -3.73 -6.80 -15.23
C ILE A 418 -3.18 -7.81 -14.20
N TRP A 419 -3.36 -7.51 -12.92
CA TRP A 419 -2.88 -8.39 -11.84
C TRP A 419 -3.66 -9.73 -11.79
N GLN A 420 -3.00 -10.80 -11.34
CA GLN A 420 -3.66 -12.12 -11.25
C GLN A 420 -3.93 -12.64 -9.82
N GLN B 1 -34.93 -32.34 28.68
CA GLN B 1 -34.85 -32.11 30.12
C GLN B 1 -34.19 -30.74 30.42
N TYR B 2 -33.14 -30.71 31.24
CA TYR B 2 -32.41 -29.47 31.57
C TYR B 2 -30.99 -29.74 32.03
N VAL B 3 -30.18 -28.69 32.16
CA VAL B 3 -28.81 -28.84 32.61
C VAL B 3 -28.63 -28.10 33.92
N ARG B 4 -28.02 -28.78 34.88
CA ARG B 4 -27.77 -28.24 36.20
C ARG B 4 -26.49 -27.38 36.19
N ILE B 5 -26.61 -26.17 36.72
CA ILE B 5 -25.53 -25.19 36.79
C ILE B 5 -25.35 -24.76 38.24
N LYS B 6 -24.12 -24.69 38.72
CA LYS B 6 -23.91 -24.32 40.12
C LYS B 6 -23.10 -23.05 40.34
N ASN B 7 -23.38 -22.35 41.43
CA ASN B 7 -22.62 -21.15 41.80
C ASN B 7 -21.85 -21.56 43.02
N TRP B 8 -20.55 -21.78 42.87
CA TRP B 8 -19.73 -22.21 43.98
C TRP B 8 -19.48 -21.14 45.03
N GLY B 9 -20.04 -19.95 44.83
CA GLY B 9 -19.86 -18.89 45.80
C GLY B 9 -21.02 -18.84 46.76
N SER B 10 -22.21 -19.13 46.23
CA SER B 10 -23.43 -19.09 47.02
C SER B 10 -24.13 -20.44 47.16
N GLY B 11 -23.59 -21.48 46.52
CA GLY B 11 -24.20 -22.81 46.57
C GLY B 11 -25.53 -22.88 45.81
N GLU B 12 -25.93 -21.75 45.25
CA GLU B 12 -27.19 -21.64 44.52
C GLU B 12 -27.13 -22.44 43.23
N ILE B 13 -28.22 -23.16 42.92
CA ILE B 13 -28.31 -23.96 41.71
C ILE B 13 -29.34 -23.37 40.75
N LEU B 14 -29.10 -23.56 39.45
CA LEU B 14 -30.00 -23.07 38.39
C LEU B 14 -30.16 -24.20 37.38
N HIS B 15 -31.29 -24.21 36.67
CA HIS B 15 -31.57 -25.25 35.66
C HIS B 15 -31.76 -24.64 34.27
N ASP B 16 -30.85 -24.99 33.36
CA ASP B 16 -30.89 -24.45 32.00
C ASP B 16 -31.78 -25.17 30.99
N THR B 17 -32.84 -24.50 30.56
CA THR B 17 -33.77 -25.04 29.57
C THR B 17 -33.51 -24.46 28.18
N LEU B 18 -33.19 -23.16 28.16
CA LEU B 18 -32.99 -22.39 26.96
C LEU B 18 -31.99 -22.91 25.94
N HIS B 19 -31.00 -23.68 26.39
CA HIS B 19 -30.01 -24.25 25.47
C HIS B 19 -30.65 -25.09 24.36
N HIS B 20 -31.89 -25.54 24.60
CA HIS B 20 -32.61 -26.34 23.62
C HIS B 20 -33.03 -25.49 22.41
N LYS B 21 -33.25 -24.19 22.63
CA LYS B 21 -33.65 -23.28 21.56
C LYS B 21 -32.50 -23.00 20.62
N ALA B 22 -31.32 -23.50 20.96
CA ALA B 22 -30.15 -23.31 20.11
C ALA B 22 -30.24 -24.22 18.91
N THR B 23 -30.35 -23.63 17.72
CA THR B 23 -30.31 -24.42 16.48
C THR B 23 -28.79 -24.46 16.34
N SER B 24 -28.23 -24.52 15.14
CA SER B 24 -26.77 -24.44 14.99
C SER B 24 -25.94 -25.38 15.80
N ASP B 25 -24.91 -25.95 15.20
CA ASP B 25 -24.03 -26.70 16.07
C ASP B 25 -22.67 -26.08 16.10
N PHE B 26 -22.54 -25.55 17.29
CA PHE B 26 -21.53 -24.79 17.92
C PHE B 26 -20.08 -25.33 17.95
N THR B 27 -19.19 -24.45 18.40
CA THR B 27 -17.75 -24.63 18.55
C THR B 27 -17.21 -25.98 18.97
N CYS B 28 -17.75 -26.54 20.06
CA CYS B 28 -17.23 -27.79 20.59
C CYS B 28 -17.58 -29.10 19.83
N LYS B 29 -16.61 -30.02 19.82
CA LYS B 29 -16.78 -31.36 19.21
C LYS B 29 -17.11 -32.34 20.35
N SER B 30 -17.48 -33.58 20.03
CA SER B 30 -17.80 -34.61 21.04
C SER B 30 -16.63 -35.04 21.94
N LYS B 31 -15.43 -35.10 21.35
CA LYS B 31 -14.22 -35.51 22.08
C LYS B 31 -13.26 -34.36 22.43
N SER B 32 -13.72 -33.12 22.36
CA SER B 32 -12.84 -31.99 22.65
C SER B 32 -13.58 -30.70 23.00
N CYS B 33 -12.85 -29.77 23.60
CA CYS B 33 -13.39 -28.47 23.98
C CYS B 33 -12.55 -27.38 23.32
N LEU B 34 -13.25 -26.55 22.54
CA LEU B 34 -12.67 -25.44 21.79
C LEU B 34 -13.21 -24.09 22.32
N GLY B 35 -13.67 -24.06 23.58
CA GLY B 35 -14.20 -22.84 24.16
C GLY B 35 -13.17 -21.74 24.36
N SER B 36 -11.91 -22.10 24.20
CA SER B 36 -10.81 -21.16 24.36
C SER B 36 -10.47 -20.42 23.05
N ILE B 37 -10.96 -20.92 21.92
CA ILE B 37 -10.72 -20.31 20.61
C ILE B 37 -11.49 -19.00 20.48
N MET B 38 -10.76 -17.95 20.12
CA MET B 38 -11.34 -16.63 20.01
C MET B 38 -12.31 -16.41 18.86
N ASN B 39 -11.88 -16.72 17.62
CA ASN B 39 -12.73 -16.54 16.44
C ASN B 39 -13.09 -17.85 15.71
N PRO B 40 -13.92 -18.74 16.33
CA PRO B 40 -14.28 -19.99 15.66
C PRO B 40 -15.33 -19.81 14.56
N LYS B 41 -15.43 -20.78 13.65
CA LYS B 41 -16.40 -20.72 12.55
C LYS B 41 -17.85 -20.60 13.07
N SER B 42 -18.10 -21.23 14.22
CA SER B 42 -19.40 -21.22 14.88
C SER B 42 -19.83 -19.83 15.26
N LEU B 43 -18.88 -18.98 15.63
CA LEU B 43 -19.19 -17.60 16.00
C LEU B 43 -19.06 -16.63 14.81
N THR B 44 -18.89 -17.19 13.61
CA THR B 44 -18.74 -16.40 12.39
C THR B 44 -19.82 -16.68 11.34
N ARG B 45 -20.24 -15.63 10.65
CA ARG B 45 -21.21 -15.75 9.57
C ARG B 45 -20.52 -15.16 8.34
N GLY B 46 -20.03 -16.04 7.46
CA GLY B 46 -19.30 -15.61 6.27
C GLY B 46 -20.03 -14.99 5.07
N PRO B 47 -19.31 -14.76 3.96
CA PRO B 47 -19.80 -14.16 2.70
C PRO B 47 -20.83 -15.02 1.96
N ARG B 48 -21.54 -14.40 1.00
CA ARG B 48 -22.55 -15.07 0.16
C ARG B 48 -22.42 -14.77 -1.37
N ASP B 49 -22.79 -15.75 -2.20
CA ASP B 49 -22.74 -15.65 -3.66
C ASP B 49 -24.14 -15.43 -4.21
N LYS B 50 -25.05 -16.28 -3.73
CA LYS B 50 -26.45 -16.29 -4.10
C LYS B 50 -27.25 -15.93 -2.83
N PRO B 51 -28.51 -15.47 -2.98
CA PRO B 51 -29.33 -15.10 -1.81
C PRO B 51 -29.57 -16.36 -0.98
N THR B 52 -29.83 -16.19 0.30
CA THR B 52 -30.04 -17.36 1.12
C THR B 52 -31.26 -18.17 0.65
N PRO B 53 -31.06 -19.47 0.36
CA PRO B 53 -32.14 -20.36 -0.09
C PRO B 53 -33.39 -20.49 0.77
N LEU B 54 -34.49 -20.58 0.05
CA LEU B 54 -35.85 -20.72 0.55
C LEU B 54 -35.97 -21.76 1.66
N GLU B 55 -35.41 -22.94 1.44
CA GLU B 55 -35.51 -24.03 2.41
C GLU B 55 -34.96 -23.70 3.79
N GLU B 56 -33.90 -22.91 3.83
CA GLU B 56 -33.35 -22.52 5.11
C GLU B 56 -33.89 -21.19 5.64
N LEU B 57 -34.20 -20.26 4.73
CA LEU B 57 -34.72 -18.92 5.07
C LEU B 57 -36.13 -18.90 5.67
N LEU B 58 -37.06 -19.64 5.07
CA LEU B 58 -38.45 -19.72 5.50
C LEU B 58 -38.68 -20.22 6.93
N PRO B 59 -38.09 -21.38 7.32
CA PRO B 59 -38.27 -21.91 8.69
C PRO B 59 -37.72 -20.93 9.74
N HIS B 60 -36.57 -20.32 9.43
CA HIS B 60 -35.92 -19.35 10.31
C HIS B 60 -36.82 -18.12 10.45
N ALA B 61 -37.30 -17.62 9.32
CA ALA B 61 -38.17 -16.45 9.32
C ALA B 61 -39.40 -16.68 10.20
N ILE B 62 -40.00 -17.86 10.09
CA ILE B 62 -41.18 -18.21 10.88
C ILE B 62 -40.86 -18.30 12.37
N GLU B 63 -39.67 -18.81 12.67
CA GLU B 63 -39.22 -18.92 14.05
C GLU B 63 -39.12 -17.50 14.64
N PHE B 64 -38.58 -16.56 13.86
CA PHE B 64 -38.46 -15.19 14.34
C PHE B 64 -39.81 -14.53 14.58
N ILE B 65 -40.70 -14.59 13.58
CA ILE B 65 -42.02 -13.99 13.74
C ILE B 65 -42.77 -14.59 14.91
N ASN B 66 -42.54 -15.88 15.20
CA ASN B 66 -43.20 -16.53 16.33
C ASN B 66 -42.62 -16.03 17.66
N GLN B 67 -41.32 -15.77 17.65
CA GLN B 67 -40.60 -15.25 18.80
C GLN B 67 -41.07 -13.83 19.08
N TYR B 68 -41.15 -13.00 18.02
CA TYR B 68 -41.60 -11.61 18.11
C TYR B 68 -42.97 -11.50 18.74
N TYR B 69 -43.97 -12.15 18.14
CA TYR B 69 -45.34 -12.11 18.66
C TYR B 69 -45.53 -12.80 20.02
N GLY B 70 -44.65 -13.73 20.35
CA GLY B 70 -44.75 -14.40 21.63
C GLY B 70 -44.09 -13.60 22.74
N SER B 71 -43.70 -12.36 22.45
CA SER B 71 -43.02 -11.53 23.44
C SER B 71 -43.82 -10.49 24.20
N PHE B 72 -45.03 -10.16 23.76
CA PHE B 72 -45.75 -9.19 24.57
C PHE B 72 -46.91 -9.77 25.33
N LYS B 73 -47.33 -9.06 26.37
CA LYS B 73 -48.47 -9.49 27.19
C LYS B 73 -49.69 -9.24 26.26
N GLU B 74 -50.67 -10.15 26.31
CA GLU B 74 -51.87 -10.15 25.47
C GLU B 74 -51.50 -10.11 23.99
N ALA B 75 -51.27 -11.33 23.51
CA ALA B 75 -50.88 -11.64 22.17
C ALA B 75 -51.94 -11.27 21.17
N LYS B 76 -51.49 -10.64 20.08
CA LYS B 76 -52.34 -10.23 18.97
C LYS B 76 -52.28 -11.39 17.97
N ILE B 77 -53.03 -12.43 18.32
CA ILE B 77 -53.11 -13.67 17.55
C ILE B 77 -53.49 -13.42 16.10
N GLU B 78 -54.40 -12.48 15.89
CA GLU B 78 -54.86 -12.14 14.55
C GLU B 78 -53.74 -11.53 13.72
N GLU B 79 -52.99 -10.60 14.32
CA GLU B 79 -51.88 -9.94 13.64
C GLU B 79 -50.69 -10.87 13.44
N HIS B 80 -50.57 -11.83 14.35
CA HIS B 80 -49.52 -12.85 14.33
C HIS B 80 -49.73 -13.73 13.07
N LEU B 81 -50.95 -14.26 12.88
CA LEU B 81 -51.28 -15.10 11.72
C LEU B 81 -51.19 -14.32 10.42
N ALA B 82 -51.68 -13.08 10.45
CA ALA B 82 -51.68 -12.23 9.25
C ALA B 82 -50.25 -11.98 8.76
N ARG B 83 -49.35 -11.77 9.72
CA ARG B 83 -47.91 -11.54 9.48
C ARG B 83 -47.21 -12.83 9.00
N LEU B 84 -47.52 -13.95 9.67
CA LEU B 84 -46.96 -15.25 9.34
C LEU B 84 -47.29 -15.59 7.89
N GLU B 85 -48.55 -15.36 7.51
CA GLU B 85 -49.01 -15.63 6.16
C GLU B 85 -48.30 -14.72 5.13
N ALA B 86 -48.24 -13.43 5.46
CA ALA B 86 -47.63 -12.41 4.61
C ALA B 86 -46.14 -12.63 4.41
N VAL B 87 -45.45 -12.92 5.52
CA VAL B 87 -44.00 -13.18 5.52
C VAL B 87 -43.67 -14.37 4.63
N THR B 88 -44.52 -15.41 4.74
CA THR B 88 -44.42 -16.64 3.99
C THR B 88 -44.62 -16.35 2.49
N LYS B 89 -45.66 -15.56 2.18
CA LYS B 89 -45.94 -15.20 0.79
C LYS B 89 -44.86 -14.32 0.19
N GLU B 90 -44.35 -13.39 0.99
CA GLU B 90 -43.27 -12.49 0.55
C GLU B 90 -42.04 -13.28 0.14
N ILE B 91 -41.63 -14.21 1.00
CA ILE B 91 -40.46 -15.06 0.76
C ILE B 91 -40.62 -15.97 -0.47
N GLU B 92 -41.80 -16.56 -0.64
CA GLU B 92 -42.06 -17.45 -1.77
C GLU B 92 -42.14 -16.72 -3.10
N THR B 93 -42.60 -15.47 -3.06
CA THR B 93 -42.71 -14.70 -4.30
C THR B 93 -41.52 -13.82 -4.64
N THR B 94 -40.88 -13.23 -3.64
CA THR B 94 -39.72 -12.34 -3.83
C THR B 94 -38.33 -12.94 -3.54
N GLY B 95 -38.31 -14.07 -2.84
CA GLY B 95 -37.04 -14.71 -2.50
C GLY B 95 -36.54 -14.43 -1.08
N THR B 96 -36.75 -13.19 -0.62
CA THR B 96 -36.33 -12.72 0.70
C THR B 96 -37.53 -11.96 1.27
N TYR B 97 -37.31 -11.22 2.36
CA TYR B 97 -38.40 -10.43 2.96
C TYR B 97 -37.85 -9.26 3.77
N GLN B 98 -38.73 -8.31 4.11
CA GLN B 98 -38.36 -7.13 4.86
C GLN B 98 -38.98 -7.18 6.23
N LEU B 99 -38.28 -6.63 7.23
CA LEU B 99 -38.78 -6.55 8.62
C LEU B 99 -39.53 -5.26 8.90
N THR B 100 -40.40 -5.26 9.91
CA THR B 100 -41.07 -4.02 10.27
C THR B 100 -40.06 -3.29 11.18
N LEU B 101 -40.25 -1.99 11.38
CA LEU B 101 -39.34 -1.22 12.21
C LEU B 101 -39.39 -1.80 13.63
N ASP B 102 -40.61 -2.04 14.11
CA ASP B 102 -40.83 -2.62 15.43
C ASP B 102 -40.14 -3.98 15.68
N GLU B 103 -40.12 -4.79 14.62
CA GLU B 103 -39.48 -6.10 14.62
C GLU B 103 -37.98 -5.97 14.70
N LEU B 104 -37.42 -5.01 13.98
CA LEU B 104 -35.98 -4.75 13.97
C LEU B 104 -35.52 -4.29 15.36
N ILE B 105 -36.30 -3.40 15.96
CA ILE B 105 -35.98 -2.90 17.29
C ILE B 105 -35.87 -4.08 18.25
N PHE B 106 -36.89 -4.93 18.22
CA PHE B 106 -36.93 -6.12 19.03
C PHE B 106 -35.73 -7.05 18.74
N ALA B 107 -35.41 -7.21 17.48
CA ALA B 107 -34.30 -8.07 17.04
C ALA B 107 -32.93 -7.61 17.50
N THR B 108 -32.70 -6.29 17.49
CA THR B 108 -31.41 -5.74 17.89
C THR B 108 -31.16 -5.94 19.37
N LYS B 109 -32.22 -5.76 20.16
CA LYS B 109 -32.15 -5.92 21.60
C LYS B 109 -32.00 -7.39 21.95
N MET B 110 -32.69 -8.23 21.19
CA MET B 110 -32.64 -9.65 21.41
C MET B 110 -31.28 -10.21 21.08
N ALA B 111 -30.62 -9.67 20.04
CA ALA B 111 -29.27 -10.13 19.68
C ALA B 111 -28.25 -9.74 20.77
N TRP B 112 -28.49 -8.62 21.45
CA TRP B 112 -27.61 -8.16 22.52
C TRP B 112 -27.87 -9.08 23.72
N ARG B 113 -29.16 -9.32 23.98
CA ARG B 113 -29.60 -10.20 25.04
C ARG B 113 -28.95 -11.57 24.81
N ASN B 114 -28.83 -11.97 23.55
CA ASN B 114 -28.22 -13.25 23.17
C ASN B 114 -26.69 -13.28 22.98
N ALA B 115 -26.00 -12.17 23.22
CA ALA B 115 -24.53 -12.09 23.05
C ALA B 115 -23.83 -12.71 24.27
N PRO B 116 -23.33 -13.94 24.14
CA PRO B 116 -22.66 -14.61 25.26
C PRO B 116 -21.38 -13.97 25.79
N ARG B 117 -20.79 -13.03 25.06
CA ARG B 117 -19.54 -12.42 25.52
C ARG B 117 -19.66 -11.04 26.16
N CYS B 118 -20.88 -10.54 26.32
CA CYS B 118 -21.17 -9.22 26.93
C CYS B 118 -21.56 -9.25 28.41
N ILE B 119 -20.85 -8.50 29.24
CA ILE B 119 -21.13 -8.42 30.67
C ILE B 119 -22.18 -7.39 30.92
N GLY B 120 -22.34 -6.47 29.97
CA GLY B 120 -23.29 -5.39 30.14
C GLY B 120 -24.75 -5.61 29.80
N ARG B 121 -25.15 -6.85 29.53
CA ARG B 121 -26.54 -7.09 29.14
C ARG B 121 -27.69 -6.90 30.11
N ILE B 122 -27.40 -6.42 31.32
CA ILE B 122 -28.48 -6.14 32.28
C ILE B 122 -29.25 -4.96 31.64
N GLN B 123 -28.54 -4.30 30.71
CA GLN B 123 -29.00 -3.14 29.96
C GLN B 123 -29.62 -3.46 28.61
N TRP B 124 -29.82 -4.74 28.28
CA TRP B 124 -30.34 -5.16 26.96
C TRP B 124 -31.53 -4.43 26.29
N SER B 125 -32.51 -3.98 27.06
CA SER B 125 -33.65 -3.30 26.45
C SER B 125 -33.54 -1.76 26.39
N ASN B 126 -32.39 -1.24 26.82
CA ASN B 126 -32.14 0.20 26.77
C ASN B 126 -31.15 0.37 25.62
N LEU B 127 -31.68 0.38 24.42
CA LEU B 127 -30.86 0.52 23.21
C LEU B 127 -31.61 1.35 22.19
N GLN B 128 -30.92 2.33 21.63
CA GLN B 128 -31.48 3.21 20.61
C GLN B 128 -31.15 2.60 19.25
N VAL B 129 -32.16 2.51 18.37
CA VAL B 129 -31.97 1.92 17.04
C VAL B 129 -32.10 2.99 15.95
N PHE B 130 -31.10 3.10 15.09
CA PHE B 130 -31.12 4.04 13.96
C PHE B 130 -31.35 3.21 12.68
N ASP B 131 -32.53 3.41 12.07
CA ASP B 131 -32.96 2.70 10.86
C ASP B 131 -32.34 3.31 9.60
N ALA B 132 -31.21 2.75 9.15
CA ALA B 132 -30.55 3.26 7.96
C ALA B 132 -30.67 2.24 6.83
N ARG B 133 -31.81 1.54 6.78
CA ARG B 133 -32.04 0.53 5.77
C ARG B 133 -32.26 1.07 4.35
N ASN B 134 -32.67 2.33 4.25
CA ASN B 134 -32.91 2.96 2.96
C ASN B 134 -31.66 3.68 2.44
N CYS B 135 -30.54 3.51 3.15
CA CYS B 135 -29.25 4.12 2.80
C CYS B 135 -28.71 3.48 1.53
N SER B 136 -28.08 4.28 0.68
CA SER B 136 -27.53 3.77 -0.56
C SER B 136 -26.11 4.17 -0.91
N THR B 137 -25.65 5.30 -0.37
CA THR B 137 -24.28 5.75 -0.66
C THR B 137 -23.38 5.83 0.57
N ALA B 138 -22.06 5.82 0.29
CA ALA B 138 -21.05 5.90 1.35
C ALA B 138 -21.07 7.25 2.07
N GLN B 139 -21.61 8.30 1.43
CA GLN B 139 -21.70 9.61 2.06
C GLN B 139 -22.86 9.61 3.04
N GLU B 140 -23.92 8.89 2.68
CA GLU B 140 -25.09 8.76 3.54
C GLU B 140 -24.69 7.92 4.76
N MET B 141 -23.83 6.91 4.53
CA MET B 141 -23.32 5.99 5.56
C MET B 141 -22.49 6.71 6.63
N PHE B 142 -21.58 7.55 6.15
CA PHE B 142 -20.70 8.35 6.97
C PHE B 142 -21.57 9.28 7.84
N GLN B 143 -22.59 9.87 7.21
CA GLN B 143 -23.48 10.77 7.91
C GLN B 143 -24.30 10.05 8.98
N HIS B 144 -24.63 8.80 8.71
CA HIS B 144 -25.41 8.03 9.67
C HIS B 144 -24.52 7.69 10.84
N ILE B 145 -23.29 7.32 10.52
CA ILE B 145 -22.30 6.99 11.52
C ILE B 145 -21.97 8.18 12.42
N CYS B 146 -21.90 9.38 11.83
CA CYS B 146 -21.59 10.58 12.60
C CYS B 146 -22.76 10.87 13.52
N ARG B 147 -23.98 10.67 13.02
CA ARG B 147 -25.19 10.90 13.79
C ARG B 147 -25.21 9.96 15.02
N HIS B 148 -24.67 8.76 14.81
CA HIS B 148 -24.62 7.75 15.84
C HIS B 148 -23.67 8.17 16.93
N ILE B 149 -22.41 8.41 16.56
CA ILE B 149 -21.35 8.81 17.47
C ILE B 149 -21.77 9.99 18.30
N LEU B 150 -22.42 10.94 17.64
CA LEU B 150 -22.89 12.15 18.27
C LEU B 150 -23.96 11.89 19.32
N TYR B 151 -24.93 11.06 18.96
CA TYR B 151 -26.04 10.71 19.86
C TYR B 151 -25.56 9.90 21.05
N ALA B 152 -24.69 8.92 20.73
CA ALA B 152 -24.11 7.99 21.69
C ALA B 152 -23.15 8.62 22.68
N THR B 153 -22.31 9.56 22.22
CA THR B 153 -21.36 10.25 23.08
C THR B 153 -22.07 11.11 24.10
N ASN B 154 -23.09 11.86 23.66
CA ASN B 154 -23.91 12.69 24.54
C ASN B 154 -23.11 13.48 25.58
N ASN B 155 -21.95 13.97 25.15
CA ASN B 155 -21.05 14.75 26.00
C ASN B 155 -20.57 13.99 27.25
N GLY B 156 -20.22 12.71 27.08
CA GLY B 156 -19.75 11.90 28.18
C GLY B 156 -20.80 11.01 28.82
N ASN B 157 -22.04 11.48 28.87
CA ASN B 157 -23.13 10.70 29.43
C ASN B 157 -23.58 9.71 28.34
N ILE B 158 -22.73 8.71 28.10
CA ILE B 158 -22.93 7.67 27.09
C ILE B 158 -24.32 7.00 27.02
N ARG B 159 -24.81 6.88 25.79
CA ARG B 159 -26.09 6.25 25.48
C ARG B 159 -25.84 5.08 24.50
N SER B 160 -26.43 3.92 24.78
CA SER B 160 -26.25 2.72 23.95
C SER B 160 -27.08 2.84 22.71
N ALA B 161 -26.46 2.53 21.56
CA ALA B 161 -27.17 2.63 20.28
C ALA B 161 -26.62 1.72 19.19
N ILE B 162 -27.45 1.54 18.18
CA ILE B 162 -27.07 0.74 17.02
C ILE B 162 -27.67 1.40 15.78
N THR B 163 -26.95 1.28 14.67
CA THR B 163 -27.41 1.83 13.41
C THR B 163 -27.32 0.69 12.38
N VAL B 164 -28.51 0.32 11.91
CA VAL B 164 -28.72 -0.79 10.97
C VAL B 164 -28.79 -0.35 9.53
N PHE B 165 -27.81 -0.81 8.74
CA PHE B 165 -27.74 -0.53 7.31
C PHE B 165 -28.46 -1.66 6.52
N PRO B 166 -28.68 -1.48 5.19
CA PRO B 166 -29.36 -2.47 4.35
C PRO B 166 -28.89 -3.91 4.49
N GLN B 167 -29.85 -4.82 4.66
CA GLN B 167 -29.60 -6.26 4.79
C GLN B 167 -28.94 -6.86 3.56
N ARG B 168 -28.26 -7.98 3.75
CA ARG B 168 -27.63 -8.67 2.66
C ARG B 168 -28.75 -9.23 1.76
N SER B 169 -28.63 -8.97 0.46
CA SER B 169 -29.59 -9.43 -0.55
C SER B 169 -29.02 -10.64 -1.30
N ASP B 170 -28.11 -10.36 -2.24
CA ASP B 170 -27.50 -11.41 -3.05
C ASP B 170 -26.10 -11.82 -2.58
N GLY B 171 -25.51 -11.02 -1.71
CA GLY B 171 -24.17 -11.30 -1.23
C GLY B 171 -23.13 -10.53 -2.03
N LYS B 172 -23.47 -10.12 -3.25
CA LYS B 172 -22.56 -9.34 -4.08
C LYS B 172 -22.75 -7.84 -3.86
N HIS B 173 -23.70 -7.48 -2.99
CA HIS B 173 -23.98 -6.07 -2.69
C HIS B 173 -24.02 -5.66 -1.20
N ASP B 174 -23.08 -6.21 -0.43
CA ASP B 174 -22.95 -5.98 1.01
C ASP B 174 -22.47 -4.59 1.45
N PHE B 175 -23.10 -4.07 2.50
CA PHE B 175 -22.68 -2.81 3.09
C PHE B 175 -21.71 -3.27 4.20
N ARG B 176 -20.53 -2.66 4.33
CA ARG B 176 -19.54 -3.07 5.34
C ARG B 176 -18.75 -1.92 5.93
N LEU B 177 -18.37 -2.06 7.20
CA LEU B 177 -17.51 -1.06 7.81
C LEU B 177 -16.23 -1.85 7.87
N TRP B 178 -15.16 -1.32 7.28
CA TRP B 178 -13.90 -2.07 7.31
C TRP B 178 -13.16 -1.93 8.63
N ASN B 179 -13.62 -1.04 9.49
CA ASN B 179 -12.99 -0.86 10.78
C ASN B 179 -13.47 -1.94 11.74
N SER B 180 -12.65 -2.18 12.77
CA SER B 180 -12.96 -3.14 13.83
C SER B 180 -13.89 -2.42 14.82
N GLN B 181 -13.58 -1.16 15.07
CA GLN B 181 -14.36 -0.31 15.94
C GLN B 181 -14.57 1.01 15.21
N LEU B 182 -15.61 1.73 15.62
CA LEU B 182 -15.93 3.04 15.03
C LEU B 182 -14.74 3.98 15.25
N ILE B 183 -14.49 4.33 16.52
CA ILE B 183 -13.37 5.19 16.94
C ILE B 183 -12.27 4.24 17.40
N ARG B 184 -11.06 4.43 16.89
CA ARG B 184 -9.95 3.54 17.22
C ARG B 184 -8.61 4.23 16.85
N TYR B 185 -7.50 3.89 17.50
CA TYR B 185 -6.19 4.51 17.23
C TYR B 185 -5.30 3.78 16.23
N ALA B 186 -4.44 4.54 15.54
CA ALA B 186 -3.57 3.94 14.53
C ALA B 186 -2.27 3.35 15.09
N GLY B 187 -1.75 2.40 14.34
CA GLY B 187 -0.53 1.71 14.70
C GLY B 187 0.42 1.73 13.52
N TYR B 188 1.64 2.20 13.79
CA TYR B 188 2.70 2.32 12.80
C TYR B 188 3.98 1.65 13.30
N GLN B 189 4.73 1.00 12.41
CA GLN B 189 6.01 0.42 12.81
C GLN B 189 7.08 1.51 12.55
N MET B 190 7.71 2.00 13.61
CA MET B 190 8.72 3.04 13.46
C MET B 190 10.06 2.46 12.95
N PRO B 191 10.96 3.33 12.42
CA PRO B 191 12.27 2.91 11.92
C PRO B 191 13.15 2.16 12.95
N ASP B 192 13.06 2.57 14.22
CA ASP B 192 13.84 1.98 15.31
C ASP B 192 13.44 0.55 15.75
N GLY B 193 12.65 -0.14 14.93
CA GLY B 193 12.21 -1.50 15.26
C GLY B 193 10.89 -1.49 16.04
N THR B 194 10.74 -0.46 16.87
CA THR B 194 9.57 -0.25 17.73
C THR B 194 8.26 0.02 16.97
N ILE B 195 7.14 -0.08 17.70
CA ILE B 195 5.81 0.16 17.18
C ILE B 195 5.23 1.35 17.95
N ARG B 196 4.60 2.28 17.24
CA ARG B 196 3.97 3.45 17.88
C ARG B 196 2.46 3.27 17.78
N GLY B 197 1.75 3.77 18.80
CA GLY B 197 0.30 3.68 18.84
C GLY B 197 -0.26 2.29 19.19
N ASP B 198 -1.38 1.94 18.55
CA ASP B 198 -2.00 0.65 18.80
C ASP B 198 -1.42 -0.46 17.92
N ALA B 199 -0.60 -1.31 18.51
CA ALA B 199 0.01 -2.43 17.78
C ALA B 199 -1.02 -3.34 17.11
N ALA B 200 -2.26 -3.28 17.57
CA ALA B 200 -3.30 -4.15 17.01
C ALA B 200 -3.81 -3.69 15.64
N THR B 201 -3.72 -2.40 15.37
CA THR B 201 -4.21 -1.82 14.11
C THR B 201 -3.13 -1.65 13.03
N LEU B 202 -1.99 -2.31 13.23
CA LEU B 202 -0.87 -2.26 12.30
C LEU B 202 -1.25 -2.59 10.87
N GLU B 203 -1.86 -3.76 10.67
CA GLU B 203 -2.26 -4.22 9.35
C GLU B 203 -3.35 -3.34 8.73
N PHE B 204 -4.22 -2.79 9.56
CA PHE B 204 -5.30 -1.96 9.05
C PHE B 204 -4.82 -0.55 8.77
N THR B 205 -3.96 -0.01 9.62
CA THR B 205 -3.44 1.33 9.41
C THR B 205 -2.76 1.37 8.06
N GLN B 206 -2.03 0.30 7.74
CA GLN B 206 -1.34 0.19 6.46
C GLN B 206 -2.34 0.23 5.32
N LEU B 207 -3.52 -0.36 5.49
CA LEU B 207 -4.55 -0.34 4.44
C LEU B 207 -5.12 1.07 4.26
N CYS B 208 -5.22 1.82 5.35
CA CYS B 208 -5.70 3.19 5.31
C CYS B 208 -4.73 4.07 4.56
N ILE B 209 -3.45 3.73 4.62
CA ILE B 209 -2.40 4.47 3.91
C ILE B 209 -2.61 4.20 2.42
N ASP B 210 -2.70 2.92 2.09
CA ASP B 210 -2.88 2.42 0.72
C ASP B 210 -4.13 2.96 0.06
N LEU B 211 -5.07 3.45 0.86
CA LEU B 211 -6.30 3.98 0.30
C LEU B 211 -6.37 5.50 0.40
N GLY B 212 -5.25 6.12 0.74
CA GLY B 212 -5.18 7.57 0.80
C GLY B 212 -5.34 8.37 2.08
N TRP B 213 -5.19 7.74 3.24
CA TRP B 213 -5.34 8.48 4.50
C TRP B 213 -3.98 9.10 4.86
N LYS B 214 -4.02 10.32 5.41
CA LYS B 214 -2.81 11.07 5.80
C LYS B 214 -2.36 10.66 7.23
N PRO B 215 -1.30 9.83 7.35
CA PRO B 215 -0.81 9.39 8.67
C PRO B 215 -0.09 10.45 9.52
N ARG B 216 -0.68 10.82 10.66
CA ARG B 216 -0.04 11.81 11.54
C ARG B 216 1.10 11.27 12.42
N TYR B 217 1.42 9.97 12.28
CA TYR B 217 2.48 9.27 13.03
C TYR B 217 2.62 9.50 14.55
N GLY B 218 1.49 9.68 15.25
CA GLY B 218 1.48 9.88 16.71
C GLY B 218 1.00 8.66 17.49
N ARG B 219 0.90 8.77 18.81
CA ARG B 219 0.47 7.65 19.66
C ARG B 219 -1.04 7.42 19.68
N PHE B 220 -1.81 8.49 19.67
CA PHE B 220 -3.26 8.42 19.71
C PHE B 220 -3.90 9.07 18.49
N ASP B 221 -3.60 8.55 17.32
CA ASP B 221 -4.19 9.07 16.09
C ASP B 221 -5.46 8.35 15.73
N VAL B 222 -6.58 9.07 15.75
CA VAL B 222 -7.85 8.47 15.40
C VAL B 222 -7.86 8.05 13.90
N LEU B 223 -8.14 6.77 13.67
CA LEU B 223 -8.19 6.18 12.34
C LEU B 223 -9.41 6.68 11.54
N PRO B 224 -9.34 6.64 10.19
CA PRO B 224 -10.45 7.09 9.35
C PRO B 224 -11.50 5.99 9.18
N LEU B 225 -12.76 6.39 8.97
CA LEU B 225 -13.89 5.48 8.71
C LEU B 225 -13.71 4.94 7.28
N VAL B 226 -13.62 3.63 7.13
CA VAL B 226 -13.43 3.00 5.81
C VAL B 226 -14.73 2.28 5.44
N LEU B 227 -15.59 2.98 4.70
CA LEU B 227 -16.92 2.48 4.34
C LEU B 227 -17.16 1.89 2.94
N GLN B 228 -17.86 0.76 2.93
CA GLN B 228 -18.21 0.05 1.69
C GLN B 228 -19.74 0.08 1.55
N ALA B 229 -20.22 0.71 0.46
CA ALA B 229 -21.66 0.81 0.19
C ALA B 229 -22.08 -0.06 -1.00
N ASP B 230 -23.32 -0.54 -0.96
CA ASP B 230 -23.88 -1.43 -1.99
C ASP B 230 -22.82 -2.51 -2.23
N GLY B 231 -22.16 -2.52 -3.38
CA GLY B 231 -21.15 -3.55 -3.55
C GLY B 231 -19.75 -2.98 -3.66
N GLN B 232 -19.71 -1.70 -4.01
CA GLN B 232 -18.53 -0.90 -4.27
C GLN B 232 -17.31 -0.97 -3.38
N ASP B 233 -16.24 -0.41 -3.94
CA ASP B 233 -14.97 -0.33 -3.24
C ASP B 233 -15.18 0.65 -2.09
N PRO B 234 -14.34 0.54 -1.04
CA PRO B 234 -14.44 1.42 0.13
C PRO B 234 -13.92 2.85 -0.01
N GLU B 235 -14.66 3.77 0.60
CA GLU B 235 -14.32 5.18 0.61
C GLU B 235 -13.85 5.63 1.99
N VAL B 236 -12.71 6.29 2.01
CA VAL B 236 -12.10 6.78 3.24
C VAL B 236 -12.71 8.10 3.72
N PHE B 237 -13.00 8.17 5.01
CA PHE B 237 -13.59 9.36 5.61
C PHE B 237 -12.93 9.69 6.93
N GLU B 238 -12.50 10.93 7.06
CA GLU B 238 -11.88 11.40 8.29
C GLU B 238 -13.06 11.60 9.28
N ILE B 239 -12.89 11.15 10.52
CA ILE B 239 -13.95 11.34 11.48
C ILE B 239 -13.83 12.73 12.05
N PRO B 240 -14.88 13.55 11.93
CA PRO B 240 -14.88 14.91 12.48
C PRO B 240 -14.45 14.94 13.96
N PRO B 241 -13.25 15.49 14.23
CA PRO B 241 -12.64 15.61 15.55
C PRO B 241 -13.54 16.12 16.65
N ASP B 242 -14.52 16.95 16.32
CA ASP B 242 -15.41 17.45 17.38
C ASP B 242 -16.29 16.34 17.95
N LEU B 243 -16.41 15.24 17.21
CA LEU B 243 -17.25 14.10 17.60
C LEU B 243 -16.57 13.09 18.50
N VAL B 244 -15.24 13.07 18.43
CA VAL B 244 -14.40 12.16 19.21
C VAL B 244 -14.03 12.73 20.59
N LEU B 245 -14.78 12.33 21.61
CA LEU B 245 -14.54 12.75 23.00
C LEU B 245 -13.52 11.80 23.61
N GLU B 246 -12.47 12.35 24.22
CA GLU B 246 -11.44 11.54 24.85
C GLU B 246 -11.26 11.85 26.34
N VAL B 247 -10.59 10.93 27.03
CA VAL B 247 -10.33 11.07 28.45
C VAL B 247 -8.84 10.96 28.64
N THR B 248 -8.24 12.03 29.15
CA THR B 248 -6.80 12.08 29.40
C THR B 248 -6.60 11.45 30.79
N MET B 249 -5.60 10.59 30.87
CA MET B 249 -5.28 9.81 32.07
C MET B 249 -4.42 10.48 33.15
N GLU B 250 -4.90 10.39 34.38
CA GLU B 250 -4.19 10.93 35.52
C GLU B 250 -4.60 10.23 36.84
N HIS B 251 -3.59 9.96 37.66
CA HIS B 251 -3.74 9.30 38.95
C HIS B 251 -4.02 10.31 40.08
N PRO B 252 -4.95 9.99 41.00
CA PRO B 252 -5.29 10.89 42.11
C PRO B 252 -4.24 11.03 43.22
N LYS B 253 -3.13 10.31 43.10
CA LYS B 253 -2.09 10.40 44.11
C LYS B 253 -0.76 10.59 43.41
N TYR B 254 -0.48 9.73 42.43
CA TYR B 254 0.79 9.78 41.69
C TYR B 254 0.70 10.77 40.54
N GLU B 255 1.14 12.01 40.77
CA GLU B 255 1.08 13.06 39.76
C GLU B 255 1.96 12.94 38.52
N TRP B 256 2.84 11.92 38.49
CA TRP B 256 3.71 11.69 37.35
C TRP B 256 2.98 10.89 36.27
N PHE B 257 1.77 10.45 36.60
CA PHE B 257 0.97 9.67 35.68
C PHE B 257 0.60 10.53 34.48
N GLN B 258 0.21 11.77 34.76
CA GLN B 258 -0.15 12.74 33.73
C GLN B 258 0.98 12.82 32.73
N GLU B 259 2.19 12.99 33.24
CA GLU B 259 3.38 13.08 32.40
C GLU B 259 3.49 11.98 31.36
N LEU B 260 2.83 10.84 31.60
CA LEU B 260 2.90 9.73 30.64
C LEU B 260 2.21 10.07 29.30
N GLY B 261 1.30 11.04 29.37
CA GLY B 261 0.56 11.50 28.20
C GLY B 261 -0.34 10.46 27.56
N LEU B 262 -1.13 9.80 28.40
CA LEU B 262 -2.07 8.77 27.94
C LEU B 262 -3.50 9.29 27.93
N LYS B 263 -4.30 8.70 27.05
CA LYS B 263 -5.70 9.04 26.92
C LYS B 263 -6.42 7.91 26.21
N TRP B 264 -7.75 7.97 26.22
CA TRP B 264 -8.53 6.96 25.51
C TRP B 264 -9.88 7.50 25.08
N TYR B 265 -10.42 6.94 24.00
CA TYR B 265 -11.72 7.37 23.52
C TYR B 265 -12.83 6.88 24.43
N ALA B 266 -13.79 7.77 24.65
CA ALA B 266 -14.92 7.48 25.50
C ALA B 266 -16.00 6.67 24.83
N LEU B 267 -15.73 6.09 23.66
CA LEU B 267 -16.77 5.31 22.98
C LEU B 267 -16.34 3.98 22.37
N PRO B 268 -16.77 2.86 23.01
CA PRO B 268 -16.42 1.54 22.51
C PRO B 268 -17.54 1.18 21.52
N ALA B 269 -17.22 1.11 20.25
CA ALA B 269 -18.25 0.77 19.27
C ALA B 269 -17.74 -0.24 18.27
N VAL B 270 -18.34 -1.44 18.31
CA VAL B 270 -17.95 -2.51 17.41
C VAL B 270 -18.60 -2.24 16.09
N ALA B 271 -17.76 -2.16 15.07
CA ALA B 271 -18.22 -1.82 13.75
C ALA B 271 -18.31 -2.94 12.76
N ASN B 272 -17.57 -4.02 13.00
CA ASN B 272 -17.52 -5.10 12.04
C ASN B 272 -18.40 -6.34 12.20
N MET B 273 -19.38 -6.30 13.10
CA MET B 273 -20.21 -7.49 13.29
C MET B 273 -21.47 -7.56 12.47
N LEU B 274 -21.96 -8.78 12.30
CA LEU B 274 -23.17 -9.01 11.53
C LEU B 274 -24.33 -9.42 12.40
N LEU B 275 -25.46 -8.76 12.17
CA LEU B 275 -26.70 -9.07 12.88
C LEU B 275 -27.53 -10.05 12.02
N GLU B 276 -27.88 -11.19 12.62
CA GLU B 276 -28.69 -12.20 11.95
C GLU B 276 -30.05 -12.23 12.65
N VAL B 277 -31.12 -12.18 11.87
CA VAL B 277 -32.45 -12.21 12.45
C VAL B 277 -33.37 -12.84 11.44
N GLY B 278 -34.00 -13.94 11.82
CA GLY B 278 -34.93 -14.64 10.95
C GLY B 278 -34.36 -15.08 9.62
N GLY B 279 -33.11 -15.55 9.62
CA GLY B 279 -32.46 -15.99 8.40
C GLY B 279 -31.85 -14.85 7.60
N LEU B 280 -32.31 -13.63 7.89
CA LEU B 280 -31.81 -12.43 7.22
C LEU B 280 -30.48 -12.01 7.81
N GLU B 281 -29.60 -11.45 6.99
CA GLU B 281 -28.27 -11.03 7.48
C GLU B 281 -27.97 -9.57 7.23
N PHE B 282 -27.49 -8.88 8.28
CA PHE B 282 -27.14 -7.45 8.22
C PHE B 282 -25.64 -7.29 8.45
N PRO B 283 -24.82 -7.32 7.36
CA PRO B 283 -23.35 -7.20 7.46
C PRO B 283 -22.77 -5.85 7.95
N ALA B 284 -23.64 -4.85 8.08
CA ALA B 284 -23.22 -3.54 8.58
C ALA B 284 -24.21 -3.03 9.64
N CYS B 285 -23.82 -3.09 10.90
CA CYS B 285 -24.68 -2.62 11.97
C CYS B 285 -23.85 -2.27 13.21
N PRO B 286 -23.12 -1.13 13.16
CA PRO B 286 -22.32 -0.71 14.29
C PRO B 286 -23.15 -0.45 15.55
N PHE B 287 -22.70 -0.99 16.68
CA PHE B 287 -23.42 -0.81 17.94
C PHE B 287 -22.45 -0.36 19.02
N ASN B 288 -22.99 0.32 20.03
CA ASN B 288 -22.18 0.78 21.13
C ASN B 288 -22.85 0.81 22.49
N GLY B 289 -22.00 0.99 23.50
CA GLY B 289 -22.42 1.12 24.88
C GLY B 289 -21.28 1.80 25.61
N TRP B 290 -21.14 1.54 26.91
CA TRP B 290 -20.07 2.15 27.68
C TRP B 290 -18.97 1.17 28.06
N TYR B 291 -17.84 1.73 28.46
CA TYR B 291 -16.65 0.96 28.83
C TYR B 291 -16.63 0.37 30.23
N MET B 292 -15.79 -0.64 30.37
CA MET B 292 -15.54 -1.27 31.64
C MET B 292 -14.05 -0.99 31.78
N GLY B 293 -13.70 -0.29 32.86
CA GLY B 293 -12.33 0.14 33.11
C GLY B 293 -11.20 -0.74 32.64
N THR B 294 -11.36 -2.03 32.94
CA THR B 294 -10.35 -3.03 32.62
C THR B 294 -9.99 -3.14 31.14
N GLU B 295 -10.93 -2.76 30.27
CA GLU B 295 -10.75 -2.83 28.82
C GLU B 295 -9.60 -1.94 28.44
N ILE B 296 -9.63 -0.74 29.01
CA ILE B 296 -8.61 0.27 28.79
C ILE B 296 -7.36 0.00 29.67
N GLY B 297 -7.57 -0.01 30.99
CA GLY B 297 -6.47 -0.20 31.93
C GLY B 297 -5.68 -1.49 31.84
N VAL B 298 -6.35 -2.62 31.62
CA VAL B 298 -5.64 -3.89 31.58
C VAL B 298 -5.27 -4.32 30.18
N ARG B 299 -6.28 -4.42 29.33
CA ARG B 299 -6.09 -4.87 27.96
C ARG B 299 -5.40 -3.84 27.06
N ASP B 300 -6.08 -2.75 26.77
CA ASP B 300 -5.54 -1.71 25.88
C ASP B 300 -4.18 -1.17 26.29
N PHE B 301 -4.03 -0.89 27.59
CA PHE B 301 -2.76 -0.38 28.10
C PHE B 301 -1.69 -1.40 28.42
N CYS B 302 -2.05 -2.52 29.05
CA CYS B 302 -1.00 -3.49 29.45
C CYS B 302 -0.69 -4.73 28.64
N ASP B 303 -1.50 -5.07 27.64
CA ASP B 303 -1.20 -6.24 26.81
C ASP B 303 0.12 -6.02 26.11
N THR B 304 0.89 -7.09 25.92
CA THR B 304 2.16 -6.94 25.23
C THR B 304 1.94 -6.66 23.74
N GLN B 305 0.75 -7.02 23.25
CA GLN B 305 0.37 -6.83 21.84
C GLN B 305 -0.42 -5.54 21.60
N ARG B 306 -0.54 -4.69 22.61
CA ARG B 306 -1.23 -3.39 22.49
C ARG B 306 -0.22 -2.31 22.86
N TYR B 307 -0.62 -1.40 23.74
CA TYR B 307 0.24 -0.30 24.18
C TYR B 307 1.44 -0.66 25.05
N ASN B 308 1.37 -1.80 25.76
CA ASN B 308 2.49 -2.29 26.57
C ASN B 308 3.17 -1.32 27.57
N ILE B 309 2.37 -0.65 28.40
CA ILE B 309 2.91 0.31 29.36
C ILE B 309 3.26 -0.23 30.75
N LEU B 310 3.24 -1.54 30.95
CA LEU B 310 3.51 -2.15 32.26
C LEU B 310 4.87 -1.84 32.87
N GLU B 311 5.93 -2.20 32.17
CA GLU B 311 7.26 -1.96 32.66
C GLU B 311 7.47 -0.48 32.99
N GLU B 312 7.05 0.42 32.09
CA GLU B 312 7.21 1.86 32.29
C GLU B 312 6.49 2.37 33.51
N VAL B 313 5.32 1.82 33.82
CA VAL B 313 4.57 2.23 35.01
C VAL B 313 5.18 1.57 36.25
N GLY B 314 5.78 0.40 36.05
CA GLY B 314 6.42 -0.34 37.14
C GLY B 314 7.71 0.30 37.62
N ARG B 315 8.44 0.91 36.68
CA ARG B 315 9.70 1.60 36.96
C ARG B 315 9.39 2.89 37.71
N ARG B 316 8.49 3.69 37.15
CA ARG B 316 8.09 4.96 37.74
C ARG B 316 7.38 4.85 39.08
N MET B 317 7.16 3.61 39.53
CA MET B 317 6.53 3.35 40.83
C MET B 317 7.61 2.92 41.84
N GLY B 318 8.81 2.62 41.32
CA GLY B 318 9.95 2.18 42.10
C GLY B 318 9.76 0.77 42.65
N LEU B 319 9.38 -0.17 41.78
CA LEU B 319 9.17 -1.55 42.20
C LEU B 319 10.22 -2.45 41.57
N GLU B 320 10.45 -3.65 42.13
CA GLU B 320 11.45 -4.57 41.58
C GLU B 320 11.00 -5.15 40.25
N THR B 321 11.18 -4.35 39.21
CA THR B 321 10.80 -4.67 37.85
C THR B 321 11.52 -5.85 37.21
N HIS B 322 12.59 -6.33 37.85
CA HIS B 322 13.37 -7.43 37.31
C HIS B 322 13.12 -8.77 38.01
N THR B 323 12.66 -8.69 39.24
CA THR B 323 12.33 -9.89 40.01
C THR B 323 10.82 -10.08 39.88
N LEU B 324 10.43 -10.96 38.96
CA LEU B 324 9.04 -11.29 38.68
C LEU B 324 8.27 -11.72 39.94
N ALA B 325 8.92 -12.52 40.79
CA ALA B 325 8.29 -13.00 42.01
C ALA B 325 7.76 -11.90 42.93
N SER B 326 8.27 -10.66 42.77
CA SER B 326 7.87 -9.54 43.62
C SER B 326 6.46 -9.06 43.44
N LEU B 327 5.76 -9.61 42.44
CA LEU B 327 4.36 -9.22 42.16
C LEU B 327 4.14 -7.72 41.79
N TRP B 328 5.15 -7.12 41.15
CA TRP B 328 5.10 -5.71 40.73
C TRP B 328 4.02 -5.43 39.68
N LYS B 329 3.86 -6.37 38.73
CA LYS B 329 2.84 -6.26 37.66
C LYS B 329 1.42 -6.17 38.27
N ASP B 330 1.18 -6.93 39.35
CA ASP B 330 -0.13 -6.93 40.05
C ASP B 330 -0.35 -5.55 40.69
N ARG B 331 0.72 -4.98 41.20
CA ARG B 331 0.68 -3.69 41.87
C ARG B 331 0.45 -2.56 40.86
N ALA B 332 1.25 -2.59 39.80
CA ALA B 332 1.21 -1.60 38.73
C ALA B 332 -0.16 -1.52 38.07
N VAL B 333 -0.60 -2.65 37.53
CA VAL B 333 -1.87 -2.71 36.84
C VAL B 333 -3.04 -2.18 37.67
N THR B 334 -2.94 -2.32 38.98
CA THR B 334 -4.02 -1.85 39.87
C THR B 334 -4.07 -0.31 39.82
N GLU B 335 -2.89 0.30 39.73
CA GLU B 335 -2.77 1.76 39.69
C GLU B 335 -3.32 2.29 38.37
N ILE B 336 -2.96 1.60 37.27
CA ILE B 336 -3.43 1.90 35.92
C ILE B 336 -4.97 1.80 35.89
N ASN B 337 -5.51 0.78 36.55
CA ASN B 337 -6.96 0.64 36.60
C ASN B 337 -7.62 1.77 37.37
N VAL B 338 -7.05 2.15 38.50
CA VAL B 338 -7.66 3.24 39.29
C VAL B 338 -7.50 4.61 38.64
N ALA B 339 -6.50 4.74 37.77
CA ALA B 339 -6.23 5.99 37.04
C ALA B 339 -7.35 6.14 36.03
N VAL B 340 -7.55 5.09 35.23
CA VAL B 340 -8.60 5.04 34.21
C VAL B 340 -9.97 5.41 34.79
N LEU B 341 -10.32 4.79 35.90
CA LEU B 341 -11.61 5.03 36.53
C LEU B 341 -11.79 6.46 36.96
N HIS B 342 -10.81 6.95 37.72
CA HIS B 342 -10.78 8.30 38.28
C HIS B 342 -10.86 9.36 37.16
N SER B 343 -10.06 9.17 36.11
CA SER B 343 -10.02 10.08 34.96
C SER B 343 -11.39 10.18 34.31
N PHE B 344 -12.01 9.02 34.09
CA PHE B 344 -13.32 9.01 33.47
C PHE B 344 -14.35 9.66 34.36
N GLN B 345 -14.27 9.41 35.67
CA GLN B 345 -15.24 9.97 36.61
C GLN B 345 -15.10 11.48 36.82
N LYS B 346 -13.86 11.95 36.79
CA LYS B 346 -13.51 13.37 36.96
C LYS B 346 -14.07 14.15 35.79
N GLN B 347 -13.73 13.70 34.58
CA GLN B 347 -14.18 14.33 33.33
C GLN B 347 -15.62 14.03 32.93
N ASN B 348 -16.43 13.63 33.90
CA ASN B 348 -17.84 13.31 33.72
C ASN B 348 -18.29 12.47 32.52
N VAL B 349 -17.58 11.35 32.32
CA VAL B 349 -17.81 10.37 31.26
C VAL B 349 -18.14 9.00 31.91
N THR B 350 -19.19 8.34 31.41
CA THR B 350 -19.62 7.02 31.91
C THR B 350 -18.56 5.93 31.85
N ILE B 351 -18.47 5.21 32.96
CA ILE B 351 -17.56 4.09 33.06
C ILE B 351 -18.04 3.23 34.20
N MET B 352 -17.78 1.94 34.09
CA MET B 352 -18.17 0.96 35.08
C MET B 352 -16.91 0.14 35.40
N ASP B 353 -16.65 -0.04 36.70
CA ASP B 353 -15.50 -0.84 37.14
C ASP B 353 -15.90 -2.32 37.02
N HIS B 354 -14.91 -3.20 36.90
CA HIS B 354 -15.21 -4.62 36.73
C HIS B 354 -15.97 -5.31 37.84
N HIS B 355 -15.88 -4.78 39.06
CA HIS B 355 -16.59 -5.39 40.19
C HIS B 355 -18.06 -5.14 40.11
N THR B 356 -18.43 -3.89 39.94
CA THR B 356 -19.82 -3.49 39.84
C THR B 356 -20.48 -4.15 38.61
N ALA B 357 -19.68 -4.27 37.53
CA ALA B 357 -20.11 -4.85 36.27
C ALA B 357 -20.46 -6.33 36.47
N SER B 358 -19.62 -7.01 37.25
CA SER B 358 -19.80 -8.42 37.57
C SER B 358 -21.04 -8.65 38.43
N GLU B 359 -21.25 -7.79 39.42
CA GLU B 359 -22.43 -7.93 40.27
C GLU B 359 -23.70 -7.68 39.49
N SER B 360 -23.67 -6.74 38.51
CA SER B 360 -24.85 -6.46 37.69
C SER B 360 -25.12 -7.62 36.74
N PHE B 361 -24.07 -8.25 36.21
CA PHE B 361 -24.28 -9.38 35.33
C PHE B 361 -24.93 -10.53 36.08
N MET B 362 -24.48 -10.77 37.31
CA MET B 362 -25.04 -11.84 38.16
C MET B 362 -26.49 -11.56 38.38
N LYS B 363 -26.84 -10.30 38.70
CA LYS B 363 -28.24 -9.90 38.88
C LYS B 363 -29.02 -10.14 37.56
N HIS B 364 -28.35 -9.92 36.45
CA HIS B 364 -28.94 -10.12 35.12
C HIS B 364 -29.22 -11.60 34.84
N MET B 365 -28.25 -12.46 35.14
CA MET B 365 -28.35 -13.90 34.92
C MET B 365 -29.51 -14.51 35.71
N GLN B 366 -29.64 -14.08 36.95
CA GLN B 366 -30.72 -14.58 37.79
C GLN B 366 -32.09 -14.16 37.25
N ASN B 367 -32.19 -12.93 36.76
CA ASN B 367 -33.44 -12.41 36.18
C ASN B 367 -33.77 -13.24 34.96
N GLU B 368 -32.70 -13.56 34.23
CA GLU B 368 -32.76 -14.33 33.00
C GLU B 368 -33.19 -15.79 33.17
N TYR B 369 -32.72 -16.49 34.20
CA TYR B 369 -33.18 -17.88 34.38
C TYR B 369 -34.64 -17.94 34.76
N ARG B 370 -35.07 -16.99 35.59
CA ARG B 370 -36.48 -16.89 36.00
C ARG B 370 -37.34 -16.52 34.78
N ALA B 371 -36.84 -15.57 34.00
CA ALA B 371 -37.51 -15.07 32.79
C ALA B 371 -37.59 -16.04 31.62
N ARG B 372 -36.49 -16.72 31.29
CA ARG B 372 -36.53 -17.67 30.17
C ARG B 372 -35.80 -18.98 30.29
N GLY B 373 -35.40 -19.31 31.51
CA GLY B 373 -34.73 -20.58 31.76
C GLY B 373 -33.37 -20.68 31.13
N GLY B 374 -32.63 -19.57 31.17
CA GLY B 374 -31.30 -19.60 30.61
C GLY B 374 -30.72 -18.28 30.20
N CYS B 375 -29.40 -18.31 30.00
CA CYS B 375 -28.62 -17.14 29.58
C CYS B 375 -27.32 -17.62 28.96
N PRO B 376 -27.21 -17.54 27.62
CA PRO B 376 -25.98 -17.97 26.93
C PRO B 376 -24.84 -17.13 27.47
N ALA B 377 -23.83 -17.77 28.07
CA ALA B 377 -22.71 -17.03 28.64
C ALA B 377 -21.36 -17.70 28.41
N ASP B 378 -20.36 -16.88 28.06
CA ASP B 378 -18.98 -17.32 27.78
C ASP B 378 -18.14 -16.88 28.97
N TRP B 379 -17.94 -17.82 29.87
CA TRP B 379 -17.18 -17.60 31.10
C TRP B 379 -15.81 -16.97 30.78
N ILE B 380 -15.14 -17.48 29.75
CA ILE B 380 -13.81 -17.02 29.36
C ILE B 380 -13.77 -15.51 29.02
N TRP B 381 -14.89 -15.01 28.51
CA TRP B 381 -15.00 -13.59 28.17
C TRP B 381 -15.61 -12.78 29.31
N LEU B 382 -16.55 -13.39 30.03
CA LEU B 382 -17.23 -12.70 31.12
C LEU B 382 -16.38 -12.44 32.33
N VAL B 383 -15.40 -13.29 32.64
CA VAL B 383 -14.56 -13.04 33.81
C VAL B 383 -13.48 -11.98 33.47
N PRO B 384 -13.51 -10.80 34.15
CA PRO B 384 -12.57 -9.69 33.95
C PRO B 384 -11.12 -10.18 33.94
N PRO B 385 -10.26 -9.57 33.09
CA PRO B 385 -8.84 -9.89 32.90
C PRO B 385 -7.92 -9.67 34.09
N VAL B 386 -8.51 -9.20 35.18
CA VAL B 386 -7.79 -8.95 36.41
C VAL B 386 -8.74 -9.29 37.59
N SER B 387 -8.19 -9.75 38.73
CA SER B 387 -9.02 -10.07 39.92
C SER B 387 -10.19 -11.08 39.73
N GLY B 388 -9.91 -12.14 38.97
CA GLY B 388 -10.90 -13.17 38.67
C GLY B 388 -11.82 -13.66 39.78
N SER B 389 -11.29 -14.47 40.70
CA SER B 389 -12.04 -15.04 41.82
C SER B 389 -12.61 -14.03 42.81
N ILE B 390 -12.11 -12.79 42.77
CA ILE B 390 -12.60 -11.73 43.66
C ILE B 390 -13.92 -11.24 43.05
N THR B 391 -14.12 -11.67 41.81
CA THR B 391 -15.30 -11.34 41.05
C THR B 391 -16.30 -12.52 41.14
N PRO B 392 -17.61 -12.22 41.33
CA PRO B 392 -18.67 -13.24 41.45
C PRO B 392 -18.83 -14.21 40.27
N VAL B 393 -18.75 -13.69 39.04
CA VAL B 393 -18.91 -14.48 37.81
C VAL B 393 -17.95 -15.65 37.70
N PHE B 394 -16.78 -15.51 38.32
CA PHE B 394 -15.76 -16.55 38.32
C PHE B 394 -16.31 -17.85 38.92
N HIS B 395 -17.10 -17.70 39.99
CA HIS B 395 -17.71 -18.80 40.75
C HIS B 395 -19.03 -19.29 40.22
N GLN B 396 -19.39 -18.83 39.02
CA GLN B 396 -20.65 -19.22 38.40
C GLN B 396 -20.41 -20.11 37.18
N GLU B 397 -20.91 -21.35 37.25
CA GLU B 397 -20.79 -22.26 36.12
C GLU B 397 -21.73 -21.70 35.09
N MET B 398 -21.31 -21.78 33.83
CA MET B 398 -22.10 -21.23 32.72
C MET B 398 -22.28 -22.13 31.52
N LEU B 399 -23.29 -21.79 30.73
CA LEU B 399 -23.57 -22.51 29.52
C LEU B 399 -23.46 -21.54 28.35
N ASN B 400 -22.65 -21.90 27.36
CA ASN B 400 -22.44 -21.07 26.18
C ASN B 400 -23.16 -21.71 24.98
N TYR B 401 -24.05 -20.95 24.33
CA TYR B 401 -24.75 -21.46 23.15
C TYR B 401 -25.18 -20.31 22.21
N VAL B 402 -25.36 -20.63 20.93
CA VAL B 402 -25.76 -19.63 19.93
C VAL B 402 -27.25 -19.68 19.57
N LEU B 403 -27.98 -18.65 20.03
CA LEU B 403 -29.41 -18.48 19.76
C LEU B 403 -29.62 -17.54 18.56
N SER B 404 -30.86 -17.12 18.36
CA SER B 404 -31.19 -16.19 17.28
C SER B 404 -32.29 -15.26 17.78
N PRO B 405 -32.18 -13.95 17.50
CA PRO B 405 -31.13 -13.24 16.74
C PRO B 405 -29.74 -13.24 17.37
N PHE B 406 -28.71 -13.00 16.56
CA PHE B 406 -27.34 -13.07 17.06
C PHE B 406 -26.38 -12.11 16.36
N TYR B 407 -25.33 -11.70 17.08
CA TYR B 407 -24.28 -10.83 16.55
C TYR B 407 -23.09 -11.74 16.26
N TYR B 408 -22.80 -11.93 14.97
CA TYR B 408 -21.70 -12.78 14.52
C TYR B 408 -20.48 -12.00 14.09
N TYR B 409 -19.39 -12.73 13.99
CA TYR B 409 -18.15 -12.18 13.50
C TYR B 409 -18.26 -12.36 11.98
N GLN B 410 -17.50 -11.57 11.24
CA GLN B 410 -17.46 -11.70 9.79
C GLN B 410 -16.00 -11.94 9.41
N ILE B 411 -15.76 -12.41 8.20
CA ILE B 411 -14.38 -12.61 7.72
C ILE B 411 -13.87 -11.20 7.39
N GLU B 412 -12.59 -10.91 7.64
CA GLU B 412 -12.06 -9.57 7.34
C GLU B 412 -12.35 -9.19 5.88
N PRO B 413 -13.13 -8.10 5.66
CA PRO B 413 -13.53 -7.59 4.35
C PRO B 413 -12.49 -7.55 3.25
N TRP B 414 -11.26 -7.18 3.57
CA TRP B 414 -10.18 -7.11 2.58
C TRP B 414 -9.78 -8.49 2.05
N LYS B 415 -10.01 -9.52 2.85
CA LYS B 415 -9.67 -10.88 2.44
C LYS B 415 -10.59 -11.43 1.35
N THR B 416 -11.83 -10.95 1.31
CA THR B 416 -12.81 -11.42 0.33
C THR B 416 -13.59 -10.26 -0.30
N HIS B 417 -12.95 -9.58 -1.25
CA HIS B 417 -13.52 -8.43 -1.93
C HIS B 417 -12.89 -8.24 -3.30
N ILE B 418 -13.73 -7.92 -4.28
CA ILE B 418 -13.33 -7.70 -5.67
C ILE B 418 -13.20 -6.18 -5.94
N TRP B 419 -11.99 -5.71 -6.24
CA TRP B 419 -11.78 -4.28 -6.51
C TRP B 419 -12.32 -3.81 -7.89
N GLN B 420 -12.01 -2.57 -8.30
CA GLN B 420 -12.49 -2.02 -9.60
C GLN B 420 -11.74 -2.50 -10.86
ZN ZN C . 9.86 21.02 -32.89
CHA HEM D . 20.91 9.52 -21.45
CHB HEM D . 25.67 9.90 -20.64
CHC HEM D . 26.12 5.40 -22.26
CHD HEM D . 21.49 5.37 -23.65
C1A HEM D . 22.12 9.97 -20.99
C2A HEM D . 22.31 11.21 -20.19
C3A HEM D . 23.69 11.36 -20.04
C4A HEM D . 24.32 10.21 -20.70
CMA HEM D . 24.43 12.48 -19.34
CAA HEM D . 21.23 12.10 -19.59
CBA HEM D . 20.70 11.52 -18.29
CGA HEM D . 19.50 12.27 -17.78
O1A HEM D . 18.52 11.62 -17.36
O2A HEM D . 19.54 13.52 -17.80
C1B HEM D . 26.23 8.74 -21.08
C2B HEM D . 27.60 8.43 -20.86
C3B HEM D . 27.75 7.13 -21.31
C4B HEM D . 26.45 6.68 -21.81
CMB HEM D . 28.66 9.35 -20.25
CAB HEM D . 28.90 6.42 -21.09
CBB HEM D . 29.48 5.46 -21.88
C1C HEM D . 24.89 4.98 -22.66
C2C HEM D . 24.58 3.65 -23.05
C3C HEM D . 23.24 3.62 -23.53
C4C HEM D . 22.79 4.97 -23.35
CMC HEM D . 25.61 2.53 -22.88
CAC HEM D . 22.49 2.56 -24.10
CBC HEM D . 23.05 1.36 -24.55
C1D HEM D . 20.90 6.60 -23.33
C2D HEM D . 19.48 6.91 -23.46
C3D HEM D . 19.31 8.04 -22.77
C4D HEM D . 20.65 8.44 -22.22
CMD HEM D . 18.36 6.15 -24.16
CAD HEM D . 17.98 8.74 -22.61
CBD HEM D . 17.41 8.42 -21.24
CGD HEM D . 16.08 9.10 -21.02
O1D HEM D . 15.65 9.22 -19.85
O2D HEM D . 15.46 9.50 -22.02
NA HEM D . 23.36 9.35 -21.30
NB HEM D . 25.52 7.69 -21.68
NC HEM D . 23.80 5.79 -22.79
ND HEM D . 21.62 7.58 -22.61
FE HEM D . 23.72 7.82 -22.43
N1 H4B E . 18.28 17.40 -20.05
C2 H4B E . 18.70 16.23 -19.52
N2 H4B E . 19.84 15.71 -19.95
N3 H4B E . 17.96 15.57 -18.62
C4 H4B E . 16.78 16.06 -18.23
O4 H4B E . 16.13 15.53 -17.33
C4A H4B E . 16.25 17.21 -18.85
C8A H4B E . 17.07 17.88 -19.78
N5 H4B E . 15.02 17.63 -18.57
N8 H4B E . 16.64 19.00 -20.39
C6 H4B E . 14.51 18.82 -19.23
C7 H4B E . 15.44 19.62 -20.04
C9 H4B E . 13.15 19.29 -18.69
O9 H4B E . 13.36 20.01 -17.48
C10 H4B E . 12.37 20.16 -19.68
C11 H4B E . 11.03 20.54 -19.10
O10 H4B E . 12.17 19.41 -20.89
C1 ITU F . 22.14 4.76 -19.64
C2 ITU F . 22.42 6.13 -19.03
S ITU F . 24.19 6.52 -18.88
C3 ITU F . 24.08 8.01 -17.88
N1 ITU F . 22.90 8.52 -17.60
N2 ITU F . 25.18 8.61 -17.43
ZN ZN G . -16.43 -26.40 25.38
CHA HEM H . -18.46 -7.37 24.41
CHB HEM H . -19.44 -4.35 28.15
CHC HEM H . -23.24 -2.85 25.68
CHD HEM H . -22.66 -6.33 22.37
C1A HEM H . -18.35 -6.55 25.53
C2A HEM H . -17.17 -6.55 26.42
C3A HEM H . -17.49 -5.80 27.51
C4A HEM H . -18.81 -5.26 27.29
CMA HEM H . -16.61 -5.56 28.73
CAA HEM H . -15.80 -7.18 26.14
CBA HEM H . -14.99 -6.34 25.17
CGA HEM H . -13.75 -7.05 24.71
O1A HEM H . -13.47 -7.02 23.50
O2A HEM H . -13.05 -7.66 25.54
C1B HEM H . -20.65 -3.76 27.85
C2B HEM H . -21.18 -2.71 28.64
C3B HEM H . -22.24 -2.24 27.95
C4B HEM H . -22.34 -3.04 26.71
CMB HEM H . -20.68 -2.24 30.00
CAB HEM H . -22.94 -1.12 28.34
CBB HEM H . -24.31 -0.95 28.25
C1C HEM H . -23.38 -3.59 24.52
C2C HEM H . -24.31 -3.31 23.42
C3C HEM H . -24.22 -4.39 22.49
C4C HEM H . -23.17 -5.26 23.06
CMC HEM H . -25.16 -2.05 23.35
CAC HEM H . -24.94 -4.63 21.31
CBC HEM H . -26.11 -3.98 20.96
C1D HEM H . -21.50 -7.01 22.69
C2D HEM H . -20.91 -8.07 21.86
C3D HEM H . -19.71 -8.30 22.45
C4D HEM H . -19.56 -7.44 23.62
CMD HEM H . -21.42 -8.72 20.56
CAD HEM H . -18.71 -9.23 21.86
CBD HEM H . -17.67 -8.47 21.05
CGD HEM H . -16.65 -9.40 20.44
O1D HEM H . -15.57 -8.94 20.01
O2D HEM H . -16.95 -10.63 20.38
NA HEM H . -19.34 -5.72 26.05
NB HEM H . -21.38 -3.98 26.69
NC HEM H . -22.67 -4.74 24.28
ND HEM H . -20.67 -6.66 23.78
FE HEM H . -21.19 -5.50 25.43
N1 H4B I . -12.17 -11.95 27.34
C2 H4B I . -12.52 -10.75 26.88
N2 H4B I . -13.55 -10.10 27.41
N3 H4B I . -11.90 -10.20 25.82
C4 H4B I . -10.93 -10.87 25.20
O4 H4B I . -10.33 -10.37 24.23
C4A H4B I . -10.56 -12.16 25.62
C8A H4B I . -11.19 -12.66 26.79
N5 H4B I . -9.68 -12.90 24.96
N8 H4B I . -10.81 -13.83 27.31
C6 H4B I . -9.36 -14.23 25.42
C7 H4B I . -9.80 -14.60 26.76
C9 H4B I . -8.17 -14.85 24.69
O9 H4B I . -6.98 -14.29 25.20
C10 H4B I . -8.14 -16.37 24.86
C11 H4B I . -7.03 -16.99 24.02
O10 H4B I . -9.41 -16.93 24.50
C1 ITU J . -19.26 -3.34 22.14
C2 ITU J . -18.44 -3.23 23.29
S ITU J . -19.08 -2.34 24.65
C3 ITU J . -17.57 -2.46 25.59
N1 ITU J . -16.59 -3.22 25.14
N2 ITU J . -17.39 -1.80 26.72
#